data_4B4G
#
_entry.id   4B4G
#
_cell.length_a   64.110
_cell.length_b   153.070
_cell.length_c   134.840
_cell.angle_alpha   90.00
_cell.angle_beta   92.57
_cell.angle_gamma   90.00
#
_symmetry.space_group_name_H-M   'C 1 2 1'
#
loop_
_entity.id
_entity.type
_entity.pdbx_description
1 polymer 'GLUCOSE-1-PHOSPHATE THYMIDYLYLTRANSFERASE'
2 non-polymer N-(6-amino-1-benzyl-2,4-dioxo-1,2,3,4-tetrahydropyrimidin-5-yl)-N-methylbutane-1-sulfonamide
3 non-polymer 'CHLORIDE ION'
4 non-polymer '2-(N-MORPHOLINO)-ETHANESULFONIC ACID'
5 water water
#
_entity_poly.entity_id   1
_entity_poly.type   'polypeptide(L)'
_entity_poly.pdbx_seq_one_letter_code
;HHHHHHGSMAMKRKGIILAGGSGTRLHPATLAISKQLLPVYDKPMIYYPLSTLMLAGIREILIISTPQDTPRFQQLLGDG
SNWGLDLQYAVQPSPDGLAQAFLIGESFIGNDLSALVLGDNLYYGHDFHELLGSASQRQTGASVFAYHVLDPERYGVVEF
DQGGKAISLEEKPLEPKSNYAVTGLYFYDQQVVDIARDLKPSPRGELEITDVNRAYLERGQLSVEIMGRGYAWLDTGTHD
SLLEAGQFIATLENRQGLKVACPEEIAYRQKWIDAAQLEKLAAPLAKNGYGQYLKRLLTETVY
;
_entity_poly.pdbx_strand_id   A,B,C,D
#
# COMPACT_ATOMS: atom_id res chain seq x y z
N MET A 11 -2.94 -16.34 -25.44
CA MET A 11 -3.46 -16.61 -24.08
C MET A 11 -2.43 -16.22 -23.02
N LYS A 12 -2.88 -15.53 -21.98
CA LYS A 12 -2.00 -14.90 -20.99
C LYS A 12 -2.09 -15.46 -19.57
N ARG A 13 -0.96 -15.38 -18.87
CA ARG A 13 -0.79 -16.00 -17.57
C ARG A 13 -0.61 -14.94 -16.49
N LYS A 14 -1.31 -15.12 -15.38
CA LYS A 14 -1.14 -14.23 -14.26
C LYS A 14 -0.29 -14.94 -13.21
N GLY A 15 0.29 -14.18 -12.30
CA GLY A 15 1.14 -14.76 -11.28
C GLY A 15 0.72 -14.29 -9.91
N ILE A 16 1.03 -15.10 -8.89
CA ILE A 16 0.70 -14.79 -7.53
C ILE A 16 1.98 -15.06 -6.76
N ILE A 17 2.35 -14.12 -5.89
CA ILE A 17 3.45 -14.29 -4.96
C ILE A 17 2.84 -14.39 -3.59
N LEU A 18 3.13 -15.46 -2.87
CA LEU A 18 2.68 -15.56 -1.50
C LEU A 18 3.82 -15.09 -0.64
N ALA A 19 3.53 -14.11 0.21
CA ALA A 19 4.51 -13.41 0.99
C ALA A 19 3.85 -12.99 2.30
N GLY A 20 3.18 -13.94 2.92
CA GLY A 20 2.45 -13.71 4.16
C GLY A 20 3.24 -13.99 5.41
N GLY A 21 2.54 -14.42 6.46
CA GLY A 21 3.18 -14.60 7.76
C GLY A 21 3.91 -15.91 7.86
N SER A 22 5.22 -15.85 8.14
CA SER A 22 6.03 -17.05 8.40
C SER A 22 5.86 -17.51 9.86
N GLY A 23 4.84 -16.95 10.50
CA GLY A 23 4.53 -17.22 11.89
C GLY A 23 5.61 -16.65 12.79
N THR A 24 5.95 -17.45 13.83
CA THR A 24 6.86 -17.08 14.91
C THR A 24 8.20 -17.83 14.83
N ARG A 25 8.38 -18.62 13.77
CA ARG A 25 9.53 -19.51 13.58
C ARG A 25 10.87 -18.80 13.58
N LEU A 26 10.92 -17.64 12.95
CA LEU A 26 12.16 -16.87 12.82
C LEU A 26 12.10 -15.63 13.67
N HIS A 27 11.12 -15.59 14.56
CA HIS A 27 11.16 -14.64 15.67
C HIS A 27 12.41 -14.94 16.45
N PRO A 28 13.13 -13.89 16.89
CA PRO A 28 12.78 -12.48 16.90
C PRO A 28 13.28 -11.64 15.73
N ALA A 29 13.99 -12.25 14.79
CA ALA A 29 14.50 -11.50 13.64
C ALA A 29 13.35 -10.83 12.89
N THR A 30 12.22 -11.54 12.82
CA THR A 30 11.09 -11.16 12.01
C THR A 30 9.91 -10.59 12.77
N LEU A 31 10.10 -10.22 14.04
CA LEU A 31 9.05 -9.52 14.81
C LEU A 31 8.69 -8.16 14.24
N ALA A 32 9.69 -7.40 13.79
CA ALA A 32 9.45 -6.05 13.24
C ALA A 32 8.96 -5.99 11.78
N ILE A 33 9.48 -6.86 10.90
CA ILE A 33 9.08 -6.89 9.46
C ILE A 33 8.90 -8.29 8.95
N SER A 34 8.13 -8.46 7.89
CA SER A 34 7.96 -9.81 7.39
C SER A 34 9.16 -10.35 6.64
N LYS A 35 9.23 -11.67 6.57
CA LYS A 35 10.39 -12.34 6.07
C LYS A 35 10.75 -11.76 4.72
N GLN A 36 9.73 -11.48 3.89
CA GLN A 36 9.97 -11.29 2.46
C GLN A 36 10.50 -9.88 2.13
N LEU A 37 10.65 -9.08 3.19
CA LEU A 37 11.30 -7.78 3.10
C LEU A 37 12.77 -7.79 3.56
N LEU A 38 13.19 -8.87 4.21
CA LEU A 38 14.58 -8.95 4.67
C LEU A 38 15.50 -9.04 3.45
N PRO A 39 16.73 -8.52 3.57
CA PRO A 39 17.55 -8.62 2.38
C PRO A 39 18.18 -9.98 2.25
N VAL A 40 18.40 -10.34 0.97
CA VAL A 40 19.32 -11.36 0.57
C VAL A 40 20.38 -10.63 -0.19
N TYR A 41 21.48 -10.36 0.51
CA TYR A 41 22.57 -9.51 0.05
C TYR A 41 22.15 -8.04 -0.06
N ASP A 42 21.95 -7.56 -1.29
CA ASP A 42 21.84 -6.14 -1.64
C ASP A 42 20.42 -5.73 -2.03
N LYS A 43 19.46 -6.65 -1.92
CA LYS A 43 18.13 -6.36 -2.39
C LYS A 43 17.11 -7.23 -1.61
N PRO A 44 15.87 -6.74 -1.44
CA PRO A 44 14.81 -7.41 -0.68
C PRO A 44 14.54 -8.78 -1.20
N MET A 45 14.17 -9.70 -0.31
CA MET A 45 13.95 -11.07 -0.72
C MET A 45 12.89 -11.17 -1.80
N ILE A 46 11.85 -10.33 -1.73
CA ILE A 46 10.75 -10.41 -2.71
C ILE A 46 11.19 -10.10 -4.13
N TYR A 47 12.22 -9.27 -4.33
CA TYR A 47 12.76 -9.10 -5.69
C TYR A 47 13.03 -10.48 -6.40
N TYR A 48 13.46 -11.49 -5.64
CA TYR A 48 13.83 -12.78 -6.25
C TYR A 48 12.64 -13.58 -6.82
N PRO A 49 11.55 -13.73 -6.05
CA PRO A 49 10.49 -14.40 -6.79
C PRO A 49 9.78 -13.49 -7.78
N LEU A 50 9.74 -12.20 -7.52
CA LEU A 50 9.15 -11.28 -8.49
C LEU A 50 9.90 -11.43 -9.81
N SER A 51 11.25 -11.40 -9.76
CA SER A 51 12.09 -11.69 -10.96
C SER A 51 11.79 -13.04 -11.64
N THR A 52 11.47 -14.07 -10.84
CA THR A 52 11.16 -15.37 -11.38
C THR A 52 9.90 -15.28 -12.23
N LEU A 53 8.86 -14.62 -11.70
CA LEU A 53 7.67 -14.41 -12.52
C LEU A 53 8.05 -13.67 -13.77
N MET A 54 8.89 -12.66 -13.66
CA MET A 54 9.20 -11.87 -14.88
C MET A 54 9.93 -12.73 -15.91
N LEU A 55 10.79 -13.61 -15.42
CA LEU A 55 11.48 -14.51 -16.34
C LEU A 55 10.52 -15.41 -17.08
N ALA A 56 9.40 -15.75 -16.45
CA ALA A 56 8.32 -16.51 -17.08
C ALA A 56 7.44 -15.67 -18.06
N GLY A 57 7.83 -14.41 -18.26
CA GLY A 57 7.07 -13.45 -19.05
C GLY A 57 5.76 -12.93 -18.46
N ILE A 58 5.61 -12.98 -17.15
CA ILE A 58 4.34 -12.63 -16.49
C ILE A 58 4.38 -11.18 -15.99
N ARG A 59 3.36 -10.39 -16.29
CA ARG A 59 3.41 -8.95 -16.00
C ARG A 59 2.39 -8.48 -15.00
N GLU A 60 1.33 -9.27 -14.83
CA GLU A 60 0.25 -8.96 -13.90
C GLU A 60 0.37 -9.85 -12.67
N ILE A 61 0.84 -9.27 -11.57
CA ILE A 61 1.17 -10.03 -10.37
C ILE A 61 0.35 -9.55 -9.19
N LEU A 62 -0.22 -10.52 -8.47
CA LEU A 62 -0.88 -10.29 -7.20
C LEU A 62 0.13 -10.70 -6.13
N ILE A 63 0.25 -9.86 -5.12
CA ILE A 63 1.11 -10.09 -3.98
C ILE A 63 0.23 -10.26 -2.74
N ILE A 64 0.33 -11.41 -2.08
CA ILE A 64 -0.50 -11.70 -0.94
C ILE A 64 0.43 -11.68 0.28
N SER A 65 0.12 -10.79 1.23
CA SER A 65 0.85 -10.62 2.49
C SER A 65 -0.12 -10.35 3.63
N THR A 66 0.42 -10.15 4.82
CA THR A 66 -0.40 -9.86 6.00
C THR A 66 -1.00 -8.48 5.88
N PRO A 67 -2.11 -8.24 6.61
CA PRO A 67 -2.63 -6.88 6.64
C PRO A 67 -1.57 -5.90 7.10
N GLN A 68 -0.71 -6.33 8.03
CA GLN A 68 0.24 -5.44 8.68
C GLN A 68 1.36 -4.99 7.79
N ASP A 69 1.76 -5.84 6.85
CA ASP A 69 2.94 -5.56 6.04
C ASP A 69 2.60 -5.07 4.65
N THR A 70 1.35 -5.31 4.20
CA THR A 70 0.94 -4.91 2.84
C THR A 70 1.40 -3.48 2.45
N PRO A 71 1.27 -2.48 3.36
CA PRO A 71 1.65 -1.12 2.93
C PRO A 71 3.14 -0.96 2.68
N ARG A 72 3.97 -1.74 3.39
CA ARG A 72 5.40 -1.76 3.15
C ARG A 72 5.78 -2.41 1.84
N PHE A 73 5.09 -3.47 1.44
CA PHE A 73 5.25 -3.95 0.06
C PHE A 73 4.83 -2.88 -0.96
N GLN A 74 3.75 -2.14 -0.67
CA GLN A 74 3.25 -1.13 -1.62
C GLN A 74 4.29 -0.03 -1.77
N GLN A 75 4.93 0.30 -0.65
CA GLN A 75 5.92 1.36 -0.62
C GLN A 75 7.16 0.96 -1.46
N LEU A 76 7.57 -0.30 -1.32
CA LEU A 76 8.71 -0.81 -2.05
C LEU A 76 8.39 -1.00 -3.53
N LEU A 77 7.27 -1.60 -3.86
CA LEU A 77 7.04 -2.01 -5.26
C LEU A 77 6.04 -1.19 -6.08
N GLY A 78 5.11 -0.51 -5.40
CA GLY A 78 4.19 0.40 -6.06
C GLY A 78 3.19 -0.39 -6.86
N ASP A 79 2.87 0.09 -8.06
CA ASP A 79 1.88 -0.64 -8.88
C ASP A 79 2.54 -1.37 -10.04
N GLY A 80 3.87 -1.28 -10.12
CA GLY A 80 4.62 -1.95 -11.17
C GLY A 80 4.97 -1.08 -12.38
N SER A 81 4.27 0.03 -12.54
CA SER A 81 4.37 0.86 -13.76
C SER A 81 5.80 1.26 -14.06
N ASN A 82 6.61 1.38 -13.02
CA ASN A 82 8.04 1.71 -13.17
C ASN A 82 8.83 0.62 -13.88
N TRP A 83 8.33 -0.61 -13.77
CA TRP A 83 9.02 -1.80 -14.25
C TRP A 83 8.18 -2.50 -15.30
N GLY A 84 7.33 -1.76 -16.00
CA GLY A 84 6.42 -2.30 -17.04
C GLY A 84 5.48 -3.43 -16.63
N LEU A 85 5.11 -3.46 -15.36
CA LEU A 85 4.22 -4.49 -14.87
C LEU A 85 2.94 -3.82 -14.34
N ASP A 86 1.99 -4.62 -13.88
CA ASP A 86 0.90 -4.10 -13.06
C ASP A 86 0.77 -4.99 -11.84
N LEU A 87 0.97 -4.38 -10.69
CA LEU A 87 0.99 -5.10 -9.44
C LEU A 87 -0.27 -4.79 -8.67
N GLN A 88 -0.96 -5.82 -8.18
CA GLN A 88 -2.02 -5.65 -7.24
C GLN A 88 -1.69 -6.33 -5.93
N TYR A 89 -2.42 -5.94 -4.87
CA TYR A 89 -2.19 -6.38 -3.52
C TYR A 89 -3.43 -7.03 -2.86
N ALA A 90 -3.20 -8.03 -2.01
CA ALA A 90 -4.30 -8.66 -1.28
C ALA A 90 -3.78 -9.14 0.06
N VAL A 91 -4.65 -9.27 1.05
CA VAL A 91 -4.14 -9.64 2.33
C VAL A 91 -4.54 -11.09 2.63
N GLN A 92 -3.76 -11.71 3.49
CA GLN A 92 -4.11 -12.95 4.12
C GLN A 92 -4.12 -12.67 5.62
N PRO A 93 -5.33 -12.51 6.19
CA PRO A 93 -5.38 -12.16 7.61
C PRO A 93 -4.92 -13.33 8.48
N SER A 94 -5.39 -14.53 8.14
CA SER A 94 -4.97 -15.72 8.82
C SER A 94 -4.11 -16.57 7.89
N PRO A 95 -2.96 -17.05 8.38
CA PRO A 95 -2.07 -17.91 7.61
C PRO A 95 -2.59 -19.34 7.56
N ASP A 96 -3.49 -19.61 6.62
CA ASP A 96 -4.17 -20.91 6.56
C ASP A 96 -3.63 -21.84 5.47
N GLY A 97 -2.42 -21.57 4.98
CA GLY A 97 -1.77 -22.48 4.00
C GLY A 97 -1.77 -21.99 2.56
N LEU A 98 -0.86 -22.56 1.77
CA LEU A 98 -0.50 -21.99 0.46
C LEU A 98 -1.65 -22.01 -0.56
N ALA A 99 -2.50 -23.03 -0.49
CA ALA A 99 -3.50 -23.25 -1.54
C ALA A 99 -4.60 -22.24 -1.42
N GLN A 100 -4.66 -21.61 -0.25
CA GLN A 100 -5.57 -20.49 0.00
C GLN A 100 -5.28 -19.27 -0.90
N ALA A 101 -4.08 -19.16 -1.48
CA ALA A 101 -3.81 -18.03 -2.39
C ALA A 101 -4.81 -18.03 -3.53
N PHE A 102 -5.51 -19.15 -3.71
CA PHE A 102 -6.42 -19.27 -4.83
C PHE A 102 -7.85 -18.81 -4.56
N LEU A 103 -8.27 -18.87 -3.30
CA LEU A 103 -9.54 -18.28 -2.86
C LEU A 103 -9.36 -16.77 -2.77
N ILE A 104 -8.26 -16.32 -2.16
CA ILE A 104 -7.99 -14.88 -2.11
C ILE A 104 -7.77 -14.25 -3.51
N GLY A 105 -7.16 -15.00 -4.41
CA GLY A 105 -6.79 -14.46 -5.71
C GLY A 105 -7.78 -14.67 -6.82
N GLU A 106 -8.87 -15.35 -6.49
CA GLU A 106 -9.97 -15.66 -7.43
C GLU A 106 -10.31 -14.54 -8.45
N SER A 107 -10.76 -13.38 -7.99
CA SER A 107 -11.16 -12.29 -8.90
C SER A 107 -9.99 -11.72 -9.68
N PHE A 108 -8.82 -11.71 -9.06
CA PHE A 108 -7.58 -11.44 -9.80
C PHE A 108 -7.35 -12.43 -10.94
N ILE A 109 -7.58 -13.71 -10.69
CA ILE A 109 -7.28 -14.74 -11.68
C ILE A 109 -8.29 -14.75 -12.82
N GLY A 110 -9.59 -14.70 -12.48
CA GLY A 110 -10.62 -14.67 -13.53
C GLY A 110 -10.59 -15.96 -14.30
N ASN A 111 -10.65 -15.86 -15.63
CA ASN A 111 -10.67 -17.04 -16.47
C ASN A 111 -9.27 -17.28 -17.06
N ASP A 112 -8.26 -16.66 -16.46
CA ASP A 112 -6.90 -16.71 -16.99
C ASP A 112 -6.09 -17.88 -16.43
N LEU A 113 -4.93 -18.12 -17.05
CA LEU A 113 -3.97 -19.08 -16.53
C LEU A 113 -3.18 -18.38 -15.44
N SER A 114 -2.62 -19.15 -14.51
CA SER A 114 -1.93 -18.56 -13.38
C SER A 114 -0.58 -19.23 -13.11
N ALA A 115 0.16 -18.67 -12.18
CA ALA A 115 1.42 -19.17 -11.71
C ALA A 115 1.57 -18.71 -10.27
N LEU A 116 1.92 -19.64 -9.39
CA LEU A 116 2.20 -19.34 -7.99
C LEU A 116 3.71 -19.35 -7.67
N VAL A 117 4.20 -18.34 -6.97
CA VAL A 117 5.56 -18.40 -6.49
C VAL A 117 5.67 -18.09 -5.00
N LEU A 118 6.48 -18.84 -4.29
CA LEU A 118 6.73 -18.51 -2.90
C LEU A 118 7.65 -17.27 -2.82
N GLY A 119 7.23 -16.30 -2.01
CA GLY A 119 7.98 -15.03 -1.85
C GLY A 119 9.31 -15.22 -1.15
N ASP A 120 9.60 -16.45 -0.73
CA ASP A 120 10.85 -16.71 -0.05
C ASP A 120 11.77 -17.75 -0.71
N ASN A 121 11.54 -18.06 -1.99
CA ASN A 121 12.42 -18.91 -2.82
C ASN A 121 13.30 -18.12 -3.86
N LEU A 122 14.59 -18.46 -3.92
CA LEU A 122 15.49 -17.98 -4.97
C LEU A 122 15.76 -19.11 -6.01
N TYR A 123 15.89 -18.72 -7.28
CA TYR A 123 16.33 -19.60 -8.34
C TYR A 123 17.52 -18.97 -9.04
N TYR A 124 18.50 -19.80 -9.40
CA TYR A 124 19.56 -19.35 -10.30
C TYR A 124 20.01 -20.42 -11.29
N GLY A 125 20.43 -19.99 -12.49
CA GLY A 125 21.19 -20.84 -13.39
C GLY A 125 20.87 -20.68 -14.84
N HIS A 126 21.51 -21.51 -15.67
CA HIS A 126 21.60 -21.29 -17.12
C HIS A 126 20.41 -21.73 -17.89
N ASP A 127 19.94 -20.85 -18.77
CA ASP A 127 18.70 -21.05 -19.48
C ASP A 127 17.53 -21.17 -18.47
N PHE A 128 17.58 -20.45 -17.35
CA PHE A 128 16.41 -20.53 -16.44
C PHE A 128 15.12 -20.06 -17.14
N HIS A 129 15.29 -19.12 -18.05
CA HIS A 129 14.26 -18.47 -18.83
C HIS A 129 13.48 -19.45 -19.67
N GLU A 130 14.22 -20.17 -20.52
CA GLU A 130 13.68 -21.23 -21.37
C GLU A 130 13.03 -22.38 -20.57
N LEU A 131 13.56 -22.68 -19.38
CA LEU A 131 12.99 -23.70 -18.50
C LEU A 131 11.61 -23.23 -17.98
N LEU A 132 11.45 -21.92 -17.76
CA LEU A 132 10.16 -21.34 -17.40
C LEU A 132 9.20 -21.21 -18.59
N GLY A 133 9.73 -20.87 -19.76
CA GLY A 133 8.93 -20.76 -20.98
C GLY A 133 8.17 -22.04 -21.32
N SER A 134 8.85 -23.18 -21.21
CA SER A 134 8.18 -24.45 -21.52
C SER A 134 7.22 -24.90 -20.42
N ALA A 135 7.39 -24.35 -19.22
CA ALA A 135 6.42 -24.57 -18.18
C ALA A 135 5.19 -23.71 -18.50
N SER A 136 5.44 -22.50 -19.01
CA SER A 136 4.42 -21.54 -19.26
C SER A 136 3.65 -21.83 -20.56
N GLN A 137 4.25 -22.57 -21.49
CA GLN A 137 3.64 -22.83 -22.81
C GLN A 137 2.58 -23.94 -22.74
N ARG A 138 2.79 -24.94 -21.89
CA ARG A 138 1.78 -25.97 -21.62
C ARG A 138 0.52 -25.26 -21.09
N GLN A 139 -0.47 -25.05 -21.94
CA GLN A 139 -1.62 -24.21 -21.57
C GLN A 139 -2.75 -24.95 -20.83
N THR A 140 -2.55 -26.24 -20.55
CA THR A 140 -3.54 -27.08 -19.88
C THR A 140 -2.83 -27.88 -18.79
N GLY A 141 -3.55 -28.17 -17.70
CA GLY A 141 -3.00 -28.91 -16.58
C GLY A 141 -2.10 -28.03 -15.72
N ALA A 142 -1.48 -28.66 -14.73
CA ALA A 142 -0.45 -28.01 -13.90
C ALA A 142 0.96 -28.43 -14.31
N SER A 143 1.92 -27.55 -14.10
CA SER A 143 3.35 -27.88 -14.24
C SER A 143 4.15 -27.44 -13.02
N VAL A 144 4.76 -28.41 -12.31
CA VAL A 144 5.68 -28.12 -11.21
C VAL A 144 7.12 -28.57 -11.53
N PHE A 145 8.06 -28.37 -10.58
CA PHE A 145 9.48 -28.72 -10.77
C PHE A 145 10.05 -29.50 -9.60
N ALA A 146 10.88 -30.49 -9.93
CA ALA A 146 11.49 -31.38 -8.94
C ALA A 146 13.01 -31.25 -8.90
N TYR A 147 13.49 -31.09 -7.68
CA TYR A 147 14.87 -30.80 -7.42
C TYR A 147 15.39 -31.68 -6.31
N HIS A 148 16.55 -32.30 -6.53
CA HIS A 148 17.15 -33.21 -5.55
C HIS A 148 17.64 -32.43 -4.35
N VAL A 149 17.18 -32.80 -3.17
CA VAL A 149 17.62 -32.09 -1.95
C VAL A 149 18.22 -33.05 -0.94
N LEU A 150 18.88 -32.49 0.07
CA LEU A 150 19.38 -33.27 1.20
C LEU A 150 18.25 -33.72 2.13
N ASP A 151 17.21 -32.87 2.24
CA ASP A 151 16.27 -32.92 3.33
C ASP A 151 14.85 -32.93 2.77
N PRO A 152 14.52 -33.92 1.93
CA PRO A 152 13.19 -33.90 1.38
C PRO A 152 12.06 -34.11 2.39
N GLU A 153 12.35 -34.70 3.56
CA GLU A 153 11.42 -34.69 4.70
C GLU A 153 10.67 -33.37 4.85
N ARG A 154 11.29 -32.27 4.40
CA ARG A 154 10.72 -30.93 4.67
C ARG A 154 9.72 -30.51 3.63
N TYR A 155 9.69 -31.20 2.49
CA TYR A 155 8.94 -30.73 1.33
C TYR A 155 7.91 -31.72 0.79
N GLY A 156 7.21 -31.29 -0.25
CA GLY A 156 6.37 -32.18 -1.05
C GLY A 156 7.34 -33.01 -1.89
N VAL A 157 7.27 -34.34 -1.73
CA VAL A 157 8.17 -35.26 -2.42
C VAL A 157 7.46 -35.98 -3.56
N VAL A 158 8.20 -36.19 -4.64
CA VAL A 158 7.67 -36.80 -5.85
C VAL A 158 8.22 -38.21 -5.87
N GLU A 159 7.50 -39.11 -6.52
CA GLU A 159 7.96 -40.48 -6.64
C GLU A 159 7.86 -40.84 -8.11
N PHE A 160 8.94 -41.39 -8.64
CA PHE A 160 8.95 -41.74 -10.07
C PHE A 160 9.02 -43.25 -10.23
N ASP A 161 8.44 -43.74 -11.33
CA ASP A 161 8.60 -45.15 -11.71
C ASP A 161 9.89 -45.33 -12.53
N GLN A 162 10.25 -46.58 -12.78
CA GLN A 162 11.47 -46.96 -13.50
C GLN A 162 11.78 -46.10 -14.72
N GLY A 163 10.74 -45.57 -15.36
CA GLY A 163 10.88 -44.79 -16.59
C GLY A 163 10.79 -43.27 -16.46
N GLY A 164 10.55 -42.79 -15.24
CA GLY A 164 10.51 -41.34 -14.98
C GLY A 164 9.16 -40.61 -15.06
N LYS A 165 8.07 -41.38 -14.99
CA LYS A 165 6.74 -40.81 -14.81
C LYS A 165 6.51 -40.65 -13.32
N ALA A 166 5.95 -39.49 -12.94
CA ALA A 166 5.59 -39.22 -11.55
C ALA A 166 4.38 -40.05 -11.14
N ILE A 167 4.51 -40.82 -10.06
CA ILE A 167 3.44 -41.75 -9.69
C ILE A 167 2.72 -41.44 -8.40
N SER A 168 3.40 -40.72 -7.49
CA SER A 168 2.77 -40.20 -6.26
C SER A 168 3.40 -38.87 -5.83
N LEU A 169 2.68 -38.15 -4.95
CA LEU A 169 3.17 -36.95 -4.29
C LEU A 169 2.84 -37.06 -2.83
N GLU A 170 3.83 -36.94 -1.97
CA GLU A 170 3.58 -36.91 -0.54
C GLU A 170 4.09 -35.63 0.11
N GLU A 171 3.35 -35.11 1.09
CA GLU A 171 3.78 -33.91 1.84
C GLU A 171 4.51 -34.17 3.16
N LYS A 172 5.80 -33.86 3.22
CA LYS A 172 6.62 -34.00 4.44
C LYS A 172 6.63 -35.43 5.00
N PRO A 173 6.88 -36.43 4.14
CA PRO A 173 6.89 -37.78 4.69
C PRO A 173 8.11 -38.00 5.56
N LEU A 174 7.99 -38.85 6.57
CA LEU A 174 9.13 -39.15 7.43
C LEU A 174 10.14 -40.06 6.70
N GLU A 175 9.63 -40.79 5.71
CA GLU A 175 10.43 -41.73 4.91
C GLU A 175 10.16 -41.44 3.41
N PRO A 176 10.77 -40.36 2.87
CA PRO A 176 10.48 -39.97 1.49
C PRO A 176 10.88 -41.06 0.52
N LYS A 177 10.11 -41.19 -0.55
CA LYS A 177 10.35 -42.22 -1.53
C LYS A 177 11.51 -41.90 -2.47
N SER A 178 11.79 -40.61 -2.62
CA SER A 178 12.96 -40.12 -3.37
C SER A 178 13.55 -38.96 -2.60
N ASN A 179 14.59 -38.35 -3.15
CA ASN A 179 15.10 -37.10 -2.67
C ASN A 179 14.67 -35.87 -3.50
N TYR A 180 13.67 -36.04 -4.38
CA TYR A 180 13.13 -34.98 -5.25
C TYR A 180 12.01 -34.17 -4.64
N ALA A 181 12.32 -32.92 -4.31
CA ALA A 181 11.36 -32.10 -3.62
C ALA A 181 10.67 -31.20 -4.66
N VAL A 182 9.40 -30.85 -4.43
CA VAL A 182 8.68 -29.91 -5.31
C VAL A 182 9.11 -28.46 -4.99
N THR A 183 9.73 -27.78 -5.97
CA THR A 183 10.11 -26.35 -5.75
C THR A 183 8.84 -25.49 -5.48
N GLY A 184 9.02 -24.31 -4.90
CA GLY A 184 7.92 -23.37 -4.67
C GLY A 184 7.59 -22.58 -5.93
N LEU A 185 7.39 -23.29 -7.04
CA LEU A 185 6.98 -22.63 -8.25
C LEU A 185 5.96 -23.49 -8.96
N TYR A 186 4.80 -22.91 -9.26
CA TYR A 186 3.74 -23.72 -9.83
C TYR A 186 3.01 -23.01 -10.94
N PHE A 187 2.68 -23.75 -11.98
CA PHE A 187 1.88 -23.25 -13.10
C PHE A 187 0.55 -24.01 -13.14
N TYR A 188 -0.55 -23.28 -13.33
CA TYR A 188 -1.89 -23.89 -13.34
C TYR A 188 -2.78 -23.33 -14.45
N ASP A 189 -3.74 -24.13 -14.91
CA ASP A 189 -4.74 -23.69 -15.89
C ASP A 189 -5.95 -23.15 -15.13
N GLN A 190 -7.12 -23.10 -15.76
CA GLN A 190 -8.27 -22.49 -15.05
C GLN A 190 -8.93 -23.35 -13.95
N GLN A 191 -8.59 -24.65 -13.91
CA GLN A 191 -9.18 -25.62 -12.96
C GLN A 191 -8.70 -25.43 -11.53
N VAL A 192 -7.65 -24.64 -11.33
CA VAL A 192 -7.03 -24.59 -10.01
C VAL A 192 -7.92 -23.97 -8.94
N VAL A 193 -8.62 -22.89 -9.27
CA VAL A 193 -9.53 -22.29 -8.28
C VAL A 193 -10.57 -23.32 -7.78
N ASP A 194 -11.22 -24.02 -8.72
CA ASP A 194 -12.20 -25.03 -8.35
C ASP A 194 -11.64 -26.21 -7.57
N ILE A 195 -10.41 -26.64 -7.90
CA ILE A 195 -9.73 -27.60 -7.05
C ILE A 195 -9.49 -27.08 -5.62
N ALA A 196 -9.10 -25.80 -5.50
CA ALA A 196 -8.83 -25.17 -4.17
C ALA A 196 -10.08 -24.92 -3.32
N ARG A 197 -11.16 -24.47 -3.96
CA ARG A 197 -12.42 -24.29 -3.25
C ARG A 197 -12.95 -25.60 -2.61
N ASP A 198 -12.67 -26.74 -3.24
CA ASP A 198 -13.08 -28.07 -2.74
C ASP A 198 -12.15 -28.78 -1.74
N LEU A 199 -11.07 -28.14 -1.30
CA LEU A 199 -10.11 -28.82 -0.42
C LEU A 199 -10.48 -28.72 1.06
N LYS A 200 -10.27 -29.81 1.79
CA LYS A 200 -10.52 -29.79 3.22
C LYS A 200 -9.23 -29.60 3.99
N PRO A 201 -9.26 -28.75 5.04
CA PRO A 201 -8.12 -28.51 5.93
C PRO A 201 -7.33 -29.77 6.29
N SER A 202 -6.03 -29.73 5.99
CA SER A 202 -5.07 -30.71 6.47
C SER A 202 -5.39 -31.05 7.92
N PRO A 203 -4.97 -32.25 8.38
CA PRO A 203 -5.07 -32.49 9.82
C PRO A 203 -4.65 -31.25 10.62
N ARG A 204 -3.63 -30.52 10.11
CA ARG A 204 -3.20 -29.24 10.67
C ARG A 204 -4.26 -28.14 10.57
N GLY A 205 -4.97 -28.11 9.46
CA GLY A 205 -5.90 -27.01 9.18
C GLY A 205 -5.26 -26.05 8.20
N GLU A 206 -4.63 -26.63 7.18
CA GLU A 206 -3.96 -25.88 6.12
C GLU A 206 -4.36 -26.45 4.76
N LEU A 207 -4.80 -25.56 3.87
CA LEU A 207 -5.14 -25.97 2.50
C LEU A 207 -3.85 -26.25 1.74
N GLU A 208 -3.44 -27.50 1.75
CA GLU A 208 -2.09 -27.85 1.30
C GLU A 208 -1.97 -27.91 -0.23
N ILE A 209 -0.94 -27.24 -0.76
CA ILE A 209 -0.72 -27.20 -2.21
C ILE A 209 -0.45 -28.59 -2.78
N THR A 210 0.12 -29.47 -1.98
CA THR A 210 0.33 -30.84 -2.45
C THR A 210 -1.00 -31.58 -2.72
N ASP A 211 -2.06 -31.24 -2.00
CA ASP A 211 -3.37 -31.80 -2.36
C ASP A 211 -3.80 -31.26 -3.72
N VAL A 212 -3.61 -29.96 -3.94
CA VAL A 212 -3.96 -29.36 -5.24
C VAL A 212 -3.22 -30.03 -6.37
N ASN A 213 -1.90 -30.24 -6.22
CA ASN A 213 -1.08 -30.87 -7.27
C ASN A 213 -1.49 -32.34 -7.40
N ARG A 214 -1.78 -32.98 -6.27
CA ARG A 214 -2.27 -34.37 -6.26
C ARG A 214 -3.58 -34.60 -7.06
N ALA A 215 -4.53 -33.69 -6.92
CA ALA A 215 -5.72 -33.65 -7.78
C ALA A 215 -5.39 -33.71 -9.26
N TYR A 216 -4.52 -32.81 -9.72
CA TYR A 216 -4.05 -32.78 -11.12
C TYR A 216 -3.32 -34.08 -11.53
N LEU A 217 -2.55 -34.67 -10.61
CA LEU A 217 -1.85 -35.93 -10.87
C LEU A 217 -2.83 -37.08 -11.11
N GLU A 218 -3.83 -37.20 -10.22
CA GLU A 218 -4.91 -38.18 -10.43
C GLU A 218 -5.62 -38.04 -11.78
N ARG A 219 -5.68 -36.82 -12.31
CA ARG A 219 -6.32 -36.56 -13.60
C ARG A 219 -5.38 -36.70 -14.81
N GLY A 220 -4.18 -37.24 -14.58
CA GLY A 220 -3.15 -37.30 -15.62
C GLY A 220 -2.83 -35.93 -16.20
N GLN A 221 -3.01 -34.86 -15.42
CA GLN A 221 -2.73 -33.53 -15.92
C GLN A 221 -1.56 -32.83 -15.22
N LEU A 222 -0.80 -33.56 -14.40
CA LEU A 222 0.44 -33.03 -13.82
C LEU A 222 1.72 -33.36 -14.59
N SER A 223 2.29 -32.31 -15.17
CA SER A 223 3.66 -32.28 -15.69
C SER A 223 4.69 -31.94 -14.56
N VAL A 224 5.60 -32.88 -14.33
CA VAL A 224 6.63 -32.74 -13.33
C VAL A 224 7.91 -32.74 -14.15
N GLU A 225 8.56 -31.57 -14.20
CA GLU A 225 9.84 -31.47 -14.86
C GLU A 225 11.02 -31.37 -13.89
N ILE A 226 12.11 -32.07 -14.21
CA ILE A 226 13.31 -31.99 -13.40
C ILE A 226 14.07 -30.63 -13.57
N MET A 227 14.29 -29.94 -12.45
CA MET A 227 15.18 -28.80 -12.36
C MET A 227 16.52 -29.41 -11.96
N GLY A 228 17.52 -29.26 -12.82
CA GLY A 228 18.76 -30.01 -12.74
C GLY A 228 19.55 -29.54 -11.54
N ARG A 229 20.52 -30.35 -11.11
CA ARG A 229 21.48 -29.99 -10.09
C ARG A 229 22.36 -28.82 -10.59
N GLY A 230 22.30 -28.51 -11.86
CA GLY A 230 23.05 -27.36 -12.34
C GLY A 230 22.33 -26.05 -12.00
N TYR A 231 21.11 -26.15 -11.44
CA TYR A 231 20.34 -25.00 -10.99
C TYR A 231 20.52 -24.83 -9.49
N ALA A 232 20.60 -23.58 -9.01
CA ALA A 232 20.48 -23.36 -7.57
C ALA A 232 19.03 -23.01 -7.22
N TRP A 233 18.42 -23.84 -6.41
CA TRP A 233 17.14 -23.48 -5.83
C TRP A 233 17.39 -23.44 -4.37
N LEU A 234 17.43 -22.23 -3.84
CA LEU A 234 17.72 -22.03 -2.42
C LEU A 234 16.43 -21.56 -1.76
N ASP A 235 16.19 -22.00 -0.55
CA ASP A 235 15.28 -21.23 0.28
C ASP A 235 15.96 -20.75 1.54
N THR A 236 15.16 -20.05 2.32
CA THR A 236 15.62 -19.21 3.37
C THR A 236 14.76 -19.56 4.54
N GLY A 237 14.68 -20.86 4.81
CA GLY A 237 13.79 -21.39 5.83
C GLY A 237 14.33 -21.31 7.24
N THR A 238 15.64 -21.09 7.37
CA THR A 238 16.28 -20.91 8.67
C THR A 238 17.22 -19.71 8.59
N HIS A 239 17.67 -19.22 9.75
CA HIS A 239 18.62 -18.12 9.79
C HIS A 239 19.89 -18.45 9.06
N ASP A 240 20.39 -19.68 9.26
CA ASP A 240 21.62 -20.14 8.61
C ASP A 240 21.47 -20.20 7.12
N SER A 241 20.30 -20.59 6.64
CA SER A 241 20.15 -20.71 5.20
C SER A 241 19.91 -19.35 4.51
N LEU A 242 19.27 -18.39 5.20
CA LEU A 242 19.16 -16.99 4.78
C LEU A 242 20.58 -16.34 4.56
N LEU A 243 21.45 -16.57 5.52
CA LEU A 243 22.81 -16.10 5.45
C LEU A 243 23.54 -16.80 4.32
N GLU A 244 23.28 -18.10 4.14
CA GLU A 244 23.91 -18.88 3.11
C GLU A 244 23.44 -18.37 1.74
N ALA A 245 22.18 -17.98 1.65
CA ALA A 245 21.68 -17.49 0.39
C ALA A 245 22.25 -16.09 0.07
N GLY A 246 22.52 -15.28 1.08
CA GLY A 246 23.19 -14.02 0.87
C GLY A 246 24.64 -14.15 0.38
N GLN A 247 25.43 -15.01 1.04
CA GLN A 247 26.79 -15.34 0.58
CA GLN A 247 26.81 -15.27 0.57
C GLN A 247 26.79 -15.84 -0.87
N PHE A 248 25.77 -16.63 -1.21
CA PHE A 248 25.67 -17.19 -2.59
C PHE A 248 25.54 -16.12 -3.69
N ILE A 249 24.58 -15.19 -3.51
CA ILE A 249 24.31 -14.16 -4.51
C ILE A 249 25.54 -13.25 -4.59
N ALA A 250 26.07 -12.86 -3.44
CA ALA A 250 27.20 -11.96 -3.39
C ALA A 250 28.44 -12.53 -4.14
N THR A 251 28.60 -13.83 -4.13
CA THR A 251 29.72 -14.46 -4.82
C THR A 251 29.51 -14.46 -6.30
N LEU A 252 28.28 -14.74 -6.75
CA LEU A 252 27.98 -14.55 -8.15
C LEU A 252 28.10 -13.06 -8.57
N GLU A 253 27.57 -12.10 -7.80
CA GLU A 253 27.51 -10.68 -8.28
C GLU A 253 28.88 -10.03 -8.23
N ASN A 254 29.60 -10.25 -7.13
CA ASN A 254 30.99 -9.86 -7.05
C ASN A 254 31.97 -10.47 -8.05
N ARG A 255 31.70 -11.71 -8.47
CA ARG A 255 32.51 -12.30 -9.51
C ARG A 255 32.25 -11.64 -10.85
N GLN A 256 30.97 -11.44 -11.15
CA GLN A 256 30.51 -11.13 -12.50
C GLN A 256 30.39 -9.65 -12.89
N GLY A 257 30.23 -8.77 -11.92
CA GLY A 257 29.79 -7.42 -12.23
C GLY A 257 28.43 -7.39 -12.91
N LEU A 258 27.71 -8.51 -12.86
CA LEU A 258 26.28 -8.54 -13.20
C LEU A 258 25.47 -8.90 -11.97
N LYS A 259 24.18 -8.55 -11.95
CA LYS A 259 23.32 -8.83 -10.82
C LYS A 259 22.35 -10.02 -11.03
N VAL A 260 21.92 -10.62 -9.94
CA VAL A 260 20.93 -11.69 -9.99
C VAL A 260 19.60 -11.12 -9.50
N ALA A 261 18.57 -11.21 -10.30
CA ALA A 261 17.26 -10.73 -9.89
C ALA A 261 17.19 -9.22 -9.62
N CYS A 262 17.81 -8.46 -10.50
CA CYS A 262 17.62 -7.04 -10.59
C CYS A 262 16.40 -6.83 -11.48
N PRO A 263 15.30 -6.36 -10.88
CA PRO A 263 14.10 -6.34 -11.70
C PRO A 263 14.13 -5.24 -12.75
N GLU A 264 14.83 -4.14 -12.51
CA GLU A 264 14.97 -3.12 -13.58
C GLU A 264 15.63 -3.72 -14.81
N GLU A 265 16.71 -4.48 -14.60
CA GLU A 265 17.44 -5.10 -15.73
C GLU A 265 16.59 -6.07 -16.44
N ILE A 266 15.82 -6.87 -15.72
CA ILE A 266 15.06 -7.92 -16.38
C ILE A 266 13.95 -7.27 -17.19
N ALA A 267 13.25 -6.30 -16.61
CA ALA A 267 12.18 -5.65 -17.36
C ALA A 267 12.74 -5.00 -18.63
N TYR A 268 13.92 -4.39 -18.52
CA TYR A 268 14.60 -3.82 -19.67
C TYR A 268 14.91 -4.88 -20.69
N ARG A 269 15.27 -6.06 -20.21
CA ARG A 269 15.70 -7.10 -21.14
C ARG A 269 14.55 -7.77 -21.84
N GLN A 270 13.38 -7.84 -21.18
CA GLN A 270 12.15 -8.29 -21.80
C GLN A 270 11.60 -7.27 -22.79
N LYS A 271 12.19 -6.07 -22.81
CA LYS A 271 11.67 -4.87 -23.48
C LYS A 271 10.32 -4.41 -22.91
N TRP A 272 10.14 -4.53 -21.59
CA TRP A 272 8.94 -4.01 -20.94
C TRP A 272 9.10 -2.56 -20.57
N ILE A 273 10.34 -2.12 -20.48
CA ILE A 273 10.67 -0.71 -20.39
C ILE A 273 11.77 -0.45 -21.42
N ASP A 274 11.96 0.81 -21.79
CA ASP A 274 13.03 1.17 -22.74
C ASP A 274 14.19 1.84 -22.04
N ALA A 275 15.17 2.30 -22.81
CA ALA A 275 16.33 2.97 -22.23
C ALA A 275 16.00 4.29 -21.50
N ALA A 276 15.04 5.06 -22.03
CA ALA A 276 14.66 6.34 -21.41
C ALA A 276 14.11 6.10 -20.00
N GLN A 277 13.25 5.08 -19.89
CA GLN A 277 12.63 4.72 -18.62
C GLN A 277 13.66 4.15 -17.65
N LEU A 278 14.56 3.32 -18.15
CA LEU A 278 15.65 2.81 -17.33
C LEU A 278 16.50 3.94 -16.78
N GLU A 279 16.86 4.92 -17.63
CA GLU A 279 17.65 6.10 -17.19
C GLU A 279 16.96 6.84 -16.05
N LYS A 280 15.66 7.04 -16.17
CA LYS A 280 14.88 7.65 -15.09
C LYS A 280 14.88 6.85 -13.78
N LEU A 281 14.83 5.51 -13.89
CA LEU A 281 14.83 4.61 -12.72
C LEU A 281 16.16 4.60 -11.95
N ALA A 282 17.26 4.80 -12.70
CA ALA A 282 18.64 4.94 -12.18
C ALA A 282 18.94 6.21 -11.39
N ALA A 283 18.43 7.37 -11.82
CA ALA A 283 18.76 8.66 -11.16
C ALA A 283 18.61 8.73 -9.60
N PRO A 284 17.45 8.38 -9.04
CA PRO A 284 17.38 8.51 -7.59
C PRO A 284 18.28 7.54 -6.83
N LEU A 285 19.13 6.82 -7.56
CA LEU A 285 20.02 5.83 -6.96
C LEU A 285 21.42 5.88 -7.58
N ALA A 286 21.69 6.95 -8.35
CA ALA A 286 22.96 7.15 -9.06
C ALA A 286 24.19 7.13 -8.14
N LYS A 287 23.96 7.47 -6.86
CA LYS A 287 25.01 7.53 -5.84
C LYS A 287 25.54 6.14 -5.44
N ASN A 288 24.64 5.17 -5.28
CA ASN A 288 25.06 3.81 -4.88
C ASN A 288 25.35 2.90 -6.08
N GLY A 289 25.84 1.69 -5.81
CA GLY A 289 26.31 0.77 -6.84
C GLY A 289 25.19 0.29 -7.72
N TYR A 290 23.98 0.32 -7.15
CA TYR A 290 22.77 -0.17 -7.81
C TYR A 290 22.32 0.74 -8.96
N GLY A 291 22.07 2.00 -8.65
CA GLY A 291 21.87 3.00 -9.71
C GLY A 291 23.06 3.03 -10.67
N GLN A 292 24.28 2.94 -10.15
CA GLN A 292 25.43 2.87 -11.07
C GLN A 292 25.28 1.63 -11.95
N TYR A 293 24.73 0.56 -11.39
CA TYR A 293 24.56 -0.66 -12.17
C TYR A 293 23.44 -0.48 -13.21
N LEU A 294 22.36 0.18 -12.84
CA LEU A 294 21.32 0.46 -13.85
C LEU A 294 21.83 1.37 -14.97
N LYS A 295 22.63 2.36 -14.62
CA LYS A 295 23.22 3.24 -15.62
C LYS A 295 24.06 2.48 -16.63
N ARG A 296 24.89 1.56 -16.15
CA ARG A 296 25.86 0.87 -17.02
C ARG A 296 25.17 -0.08 -18.00
N LEU A 297 23.97 -0.55 -17.65
CA LEU A 297 23.16 -1.41 -18.51
C LEU A 297 22.73 -0.71 -19.80
N LEU A 298 22.70 0.62 -19.76
CA LEU A 298 22.30 1.44 -20.92
C LEU A 298 23.31 1.40 -22.06
N THR A 299 24.60 1.32 -21.71
CA THR A 299 25.66 1.37 -22.73
C THR A 299 26.33 0.02 -23.07
N GLU A 300 26.26 -0.96 -22.15
CA GLU A 300 26.96 -2.25 -22.33
C GLU A 300 26.13 -3.32 -23.05
N THR A 301 26.76 -4.11 -23.91
CA THR A 301 26.11 -5.32 -24.41
C THR A 301 26.44 -6.51 -23.49
N VAL A 302 25.40 -7.07 -22.86
CA VAL A 302 25.58 -8.26 -22.01
C VAL A 302 24.90 -9.44 -22.69
N TYR A 303 25.66 -10.49 -23.02
CA TYR A 303 25.11 -11.66 -23.75
C TYR A 303 24.36 -12.67 -22.88
N MET B 11 -1.85 11.62 28.40
CA MET B 11 -2.12 10.23 27.91
C MET B 11 -2.80 10.26 26.54
N LYS B 12 -2.35 9.41 25.61
CA LYS B 12 -2.85 9.51 24.22
C LYS B 12 -4.08 8.70 23.88
N ARG B 13 -4.72 9.14 22.81
CA ARG B 13 -5.98 8.60 22.43
C ARG B 13 -5.70 7.95 21.09
N LYS B 14 -6.11 6.69 20.93
CA LYS B 14 -5.96 6.00 19.64
C LYS B 14 -7.27 6.19 18.89
N GLY B 15 -7.24 6.18 17.58
CA GLY B 15 -8.46 6.28 16.83
C GLY B 15 -8.74 5.07 15.99
N ILE B 16 -10.02 4.84 15.71
CA ILE B 16 -10.41 3.81 14.81
C ILE B 16 -11.34 4.41 13.78
N ILE B 17 -11.17 4.05 12.50
CA ILE B 17 -12.17 4.35 11.47
C ILE B 17 -12.87 3.07 11.02
N LEU B 18 -14.18 3.04 11.13
CA LEU B 18 -14.91 1.89 10.67
C LEU B 18 -15.43 2.13 9.25
N ALA B 19 -14.90 1.36 8.31
CA ALA B 19 -15.19 1.49 6.90
C ALA B 19 -15.62 0.14 6.38
N GLY B 20 -16.73 -0.34 6.92
CA GLY B 20 -17.24 -1.68 6.63
C GLY B 20 -17.95 -1.83 5.31
N GLY B 21 -18.31 -3.08 5.03
CA GLY B 21 -18.89 -3.47 3.76
C GLY B 21 -20.35 -3.08 3.68
N SER B 22 -20.67 -2.23 2.70
CA SER B 22 -22.05 -1.77 2.44
C SER B 22 -22.87 -2.84 1.72
N GLY B 23 -22.43 -4.09 1.84
CA GLY B 23 -23.11 -5.25 1.25
C GLY B 23 -23.54 -5.08 -0.21
N THR B 24 -24.83 -4.81 -0.38
CA THR B 24 -25.46 -4.70 -1.69
C THR B 24 -26.03 -3.31 -1.90
N ARG B 25 -26.15 -2.55 -0.81
CA ARG B 25 -27.03 -1.37 -0.72
C ARG B 25 -26.87 -0.31 -1.81
N LEU B 26 -25.63 -0.11 -2.27
CA LEU B 26 -25.40 0.92 -3.26
C LEU B 26 -24.79 0.38 -4.56
N HIS B 27 -25.18 -0.83 -4.94
CA HIS B 27 -24.81 -1.33 -6.27
C HIS B 27 -25.57 -0.54 -7.30
N PRO B 28 -24.98 -0.34 -8.48
CA PRO B 28 -23.67 -0.81 -8.91
C PRO B 28 -22.46 0.06 -8.63
N ALA B 29 -22.63 1.30 -8.15
CA ALA B 29 -21.50 2.22 -7.92
C ALA B 29 -20.40 1.55 -7.11
N THR B 30 -20.80 0.82 -6.07
CA THR B 30 -19.88 0.11 -5.18
C THR B 30 -19.24 -1.17 -5.79
N LEU B 31 -19.79 -1.67 -6.90
CA LEU B 31 -19.17 -2.83 -7.58
C LEU B 31 -17.77 -2.52 -8.10
N ALA B 32 -17.56 -1.26 -8.51
CA ALA B 32 -16.27 -0.74 -9.01
C ALA B 32 -15.24 -0.41 -7.90
N ILE B 33 -15.68 0.30 -6.86
CA ILE B 33 -14.87 0.58 -5.64
C ILE B 33 -15.69 0.63 -4.37
N SER B 34 -15.04 0.39 -3.23
CA SER B 34 -15.71 0.39 -1.94
C SER B 34 -16.33 1.75 -1.53
N LYS B 35 -17.42 1.75 -0.78
CA LYS B 35 -18.14 3.00 -0.49
C LYS B 35 -17.20 4.14 -0.04
N GLN B 36 -16.32 3.82 0.89
CA GLN B 36 -15.50 4.84 1.50
C GLN B 36 -14.28 5.28 0.61
N LEU B 37 -14.26 4.85 -0.65
CA LEU B 37 -13.27 5.30 -1.61
C LEU B 37 -13.90 6.17 -2.70
N LEU B 38 -15.24 6.14 -2.77
CA LEU B 38 -16.00 7.06 -3.66
C LEU B 38 -15.71 8.48 -3.27
N PRO B 39 -15.63 9.39 -4.23
CA PRO B 39 -15.31 10.70 -3.74
C PRO B 39 -16.56 11.44 -3.21
N VAL B 40 -16.37 12.25 -2.17
CA VAL B 40 -17.27 13.35 -1.86
C VAL B 40 -16.56 14.56 -2.48
N TYR B 41 -17.13 15.06 -3.59
CA TYR B 41 -16.53 16.12 -4.42
C TYR B 41 -15.18 15.72 -5.04
N ASP B 42 -14.09 16.06 -4.38
CA ASP B 42 -12.75 16.03 -4.99
C ASP B 42 -11.82 15.09 -4.23
N LYS B 43 -12.36 14.39 -3.24
CA LYS B 43 -11.52 13.58 -2.38
C LYS B 43 -12.24 12.32 -1.92
N PRO B 44 -11.48 11.25 -1.64
CA PRO B 44 -12.15 10.04 -1.21
C PRO B 44 -12.89 10.29 0.09
N MET B 45 -13.98 9.57 0.28
CA MET B 45 -14.86 9.82 1.40
C MET B 45 -14.07 9.68 2.66
N ILE B 46 -13.05 8.84 2.65
CA ILE B 46 -12.39 8.46 3.92
C ILE B 46 -11.61 9.62 4.47
N TYR B 47 -11.21 10.54 3.58
CA TYR B 47 -10.49 11.71 4.02
C TYR B 47 -11.23 12.50 5.12
N TYR B 48 -12.55 12.61 4.98
CA TYR B 48 -13.42 13.35 5.94
C TYR B 48 -13.42 12.74 7.31
N PRO B 49 -13.66 11.42 7.47
CA PRO B 49 -13.53 10.95 8.87
C PRO B 49 -12.09 10.92 9.37
N LEU B 50 -11.13 10.64 8.48
CA LEU B 50 -9.72 10.75 8.85
C LEU B 50 -9.41 12.15 9.38
N SER B 51 -9.79 13.21 8.65
CA SER B 51 -9.47 14.61 9.12
C SER B 51 -10.18 14.94 10.42
N THR B 52 -11.34 14.30 10.64
CA THR B 52 -12.05 14.44 11.94
C THR B 52 -11.22 13.90 13.10
N LEU B 53 -10.74 12.67 12.97
CA LEU B 53 -9.83 12.11 13.98
C LEU B 53 -8.63 13.05 14.15
N MET B 54 -8.00 13.45 13.05
CA MET B 54 -6.88 14.45 13.12
C MET B 54 -7.23 15.72 13.85
N LEU B 55 -8.39 16.31 13.54
CA LEU B 55 -8.80 17.54 14.20
C LEU B 55 -8.85 17.39 15.72
N ALA B 56 -9.14 16.18 16.20
CA ALA B 56 -9.16 15.85 17.62
C ALA B 56 -7.77 15.57 18.23
N GLY B 57 -6.72 15.81 17.44
CA GLY B 57 -5.34 15.58 17.87
C GLY B 57 -4.83 14.15 17.87
N ILE B 58 -5.40 13.30 17.04
CA ILE B 58 -5.18 11.86 17.09
C ILE B 58 -4.36 11.46 15.85
N ARG B 59 -3.16 10.94 16.09
CA ARG B 59 -2.20 10.49 15.07
C ARG B 59 -2.18 8.96 14.87
N GLU B 60 -2.59 8.19 15.89
CA GLU B 60 -2.55 6.74 15.79
C GLU B 60 -3.92 6.23 15.44
N ILE B 61 -4.10 5.75 14.20
CA ILE B 61 -5.44 5.36 13.69
C ILE B 61 -5.51 3.97 13.05
N LEU B 62 -6.47 3.16 13.48
CA LEU B 62 -6.75 1.86 12.91
C LEU B 62 -7.93 2.00 11.96
N ILE B 63 -7.75 1.59 10.69
CA ILE B 63 -8.81 1.45 9.67
C ILE B 63 -9.32 -0.05 9.59
N ILE B 64 -10.55 -0.30 10.02
CA ILE B 64 -11.18 -1.59 9.89
C ILE B 64 -12.08 -1.63 8.63
N SER B 65 -11.85 -2.60 7.74
CA SER B 65 -12.56 -2.71 6.47
C SER B 65 -12.61 -4.18 6.09
N THR B 66 -13.27 -4.51 4.99
CA THR B 66 -13.31 -5.92 4.53
C THR B 66 -11.93 -6.41 4.06
N PRO B 67 -11.74 -7.74 4.02
CA PRO B 67 -10.50 -8.27 3.42
C PRO B 67 -10.23 -7.68 2.04
N GLN B 68 -11.27 -7.44 1.25
CA GLN B 68 -11.13 -7.03 -0.12
C GLN B 68 -10.76 -5.55 -0.24
N ASP B 69 -11.33 -4.73 0.63
CA ASP B 69 -11.14 -3.29 0.57
C ASP B 69 -9.90 -2.86 1.30
N THR B 70 -9.51 -3.60 2.34
CA THR B 70 -8.25 -3.28 3.07
C THR B 70 -7.05 -2.94 2.18
N PRO B 71 -6.75 -3.77 1.14
CA PRO B 71 -5.59 -3.38 0.32
C PRO B 71 -5.84 -2.09 -0.45
N ARG B 72 -7.09 -1.74 -0.69
CA ARG B 72 -7.39 -0.57 -1.49
C ARG B 72 -7.26 0.70 -0.61
N PHE B 73 -7.69 0.62 0.64
CA PHE B 73 -7.41 1.72 1.56
C PHE B 73 -5.91 1.86 1.79
N GLN B 74 -5.22 0.73 1.80
CA GLN B 74 -3.76 0.74 1.91
C GLN B 74 -3.03 1.45 0.74
N GLN B 75 -3.55 1.33 -0.47
CA GLN B 75 -2.90 1.96 -1.60
C GLN B 75 -3.11 3.47 -1.58
N LEU B 76 -4.30 3.90 -1.15
CA LEU B 76 -4.58 5.31 -0.98
C LEU B 76 -3.76 5.97 0.12
N LEU B 77 -3.68 5.37 1.29
CA LEU B 77 -3.21 6.12 2.49
C LEU B 77 -1.87 5.71 3.04
N GLY B 78 -1.44 4.49 2.70
CA GLY B 78 -0.15 3.94 3.14
C GLY B 78 -0.19 3.76 4.62
N ASP B 79 0.93 4.01 5.28
CA ASP B 79 0.98 3.89 6.74
C ASP B 79 0.78 5.25 7.44
N GLY B 80 0.45 6.24 6.64
CA GLY B 80 0.16 7.54 7.17
C GLY B 80 1.36 8.33 7.57
N SER B 81 2.55 7.69 7.60
CA SER B 81 3.83 8.38 7.91
C SER B 81 4.07 9.66 7.06
N ASN B 82 3.57 9.70 5.84
CA ASN B 82 3.71 10.94 5.09
C ASN B 82 2.88 12.09 5.66
N TRP B 83 1.96 11.78 6.57
CA TRP B 83 1.11 12.81 7.10
C TRP B 83 1.32 12.95 8.55
N GLY B 84 2.45 12.43 9.04
CA GLY B 84 2.82 12.61 10.43
C GLY B 84 1.94 11.69 11.27
N LEU B 85 1.34 10.67 10.62
CA LEU B 85 0.39 9.77 11.25
C LEU B 85 0.98 8.36 11.42
N ASP B 86 0.25 7.50 12.13
CA ASP B 86 0.59 6.11 12.31
C ASP B 86 -0.67 5.33 12.01
N LEU B 87 -0.84 4.99 10.74
CA LEU B 87 -1.99 4.23 10.31
C LEU B 87 -1.74 2.73 10.36
N GLN B 88 -2.80 1.99 10.71
CA GLN B 88 -2.77 0.56 10.84
C GLN B 88 -4.09 0.03 10.32
N TYR B 89 -4.15 -1.28 10.03
CA TYR B 89 -5.29 -1.87 9.34
C TYR B 89 -5.70 -3.19 10.01
N ALA B 90 -6.96 -3.56 9.87
CA ALA B 90 -7.49 -4.77 10.46
C ALA B 90 -8.72 -5.11 9.64
N VAL B 91 -8.86 -6.38 9.30
CA VAL B 91 -9.94 -6.77 8.42
C VAL B 91 -11.18 -6.96 9.27
N GLN B 92 -12.34 -6.81 8.66
CA GLN B 92 -13.57 -7.21 9.28
C GLN B 92 -14.13 -8.33 8.43
N PRO B 93 -13.97 -9.57 8.90
CA PRO B 93 -14.44 -10.77 8.23
C PRO B 93 -15.89 -10.66 7.75
N SER B 94 -16.76 -10.16 8.62
CA SER B 94 -18.20 -10.18 8.40
C SER B 94 -18.76 -8.98 9.14
N PRO B 95 -19.80 -8.36 8.60
CA PRO B 95 -20.32 -7.16 9.24
C PRO B 95 -21.29 -7.53 10.36
N ASP B 96 -20.77 -7.69 11.58
CA ASP B 96 -21.56 -8.24 12.68
C ASP B 96 -21.93 -7.15 13.68
N GLY B 97 -21.88 -5.90 13.21
CA GLY B 97 -22.29 -4.75 14.00
C GLY B 97 -21.14 -3.86 14.43
N LEU B 98 -21.41 -2.55 14.44
CA LEU B 98 -20.45 -1.50 14.72
C LEU B 98 -19.63 -1.72 16.00
N ALA B 99 -20.25 -2.29 17.03
CA ALA B 99 -19.53 -2.40 18.30
C ALA B 99 -18.44 -3.46 18.28
N GLN B 100 -18.48 -4.36 17.30
CA GLN B 100 -17.40 -5.34 17.04
C GLN B 100 -16.02 -4.73 16.87
N ALA B 101 -15.97 -3.47 16.43
CA ALA B 101 -14.73 -2.73 16.18
C ALA B 101 -13.77 -2.79 17.37
N PHE B 102 -14.33 -2.87 18.57
CA PHE B 102 -13.60 -2.94 19.84
C PHE B 102 -12.97 -4.29 20.12
N LEU B 103 -13.60 -5.37 19.65
CA LEU B 103 -13.02 -6.70 19.75
C LEU B 103 -11.93 -6.92 18.69
N ILE B 104 -12.23 -6.60 17.43
CA ILE B 104 -11.22 -6.52 16.36
C ILE B 104 -10.07 -5.60 16.73
N GLY B 105 -10.37 -4.50 17.43
CA GLY B 105 -9.37 -3.47 17.71
C GLY B 105 -8.64 -3.59 19.04
N GLU B 106 -9.07 -4.54 19.85
CA GLU B 106 -8.48 -4.83 21.17
C GLU B 106 -6.96 -4.58 21.32
N SER B 107 -6.11 -5.31 20.61
CA SER B 107 -4.64 -5.16 20.83
C SER B 107 -4.13 -3.80 20.41
N PHE B 108 -4.80 -3.21 19.42
CA PHE B 108 -4.45 -1.88 18.95
C PHE B 108 -4.70 -0.84 20.05
N ILE B 109 -5.89 -0.91 20.64
CA ILE B 109 -6.30 0.00 21.68
C ILE B 109 -5.42 -0.26 22.90
N GLY B 110 -5.17 -1.54 23.19
CA GLY B 110 -4.38 -1.90 24.35
C GLY B 110 -4.98 -1.30 25.59
N ASN B 111 -4.17 -0.52 26.30
CA ASN B 111 -4.66 0.10 27.51
C ASN B 111 -4.87 1.60 27.35
N ASP B 112 -4.95 2.06 26.11
CA ASP B 112 -5.10 3.48 25.86
C ASP B 112 -6.56 3.91 25.76
N LEU B 113 -6.75 5.23 25.61
CA LEU B 113 -8.06 5.83 25.34
C LEU B 113 -8.29 5.77 23.86
N SER B 114 -9.54 5.85 23.45
CA SER B 114 -9.85 5.66 22.05
C SER B 114 -10.93 6.61 21.56
N ALA B 115 -11.09 6.63 20.22
CA ALA B 115 -12.15 7.34 19.53
C ALA B 115 -12.52 6.59 18.26
N LEU B 116 -13.81 6.43 18.05
CA LEU B 116 -14.34 5.69 16.95
C LEU B 116 -15.08 6.68 16.09
N VAL B 117 -14.83 6.61 14.78
CA VAL B 117 -15.53 7.43 13.81
C VAL B 117 -16.02 6.55 12.67
N LEU B 118 -17.26 6.79 12.25
CA LEU B 118 -17.84 6.07 11.11
C LEU B 118 -17.27 6.67 9.85
N GLY B 119 -16.92 5.80 8.90
CA GLY B 119 -16.27 6.18 7.66
C GLY B 119 -17.09 6.98 6.66
N ASP B 120 -18.38 7.08 6.88
CA ASP B 120 -19.23 7.83 5.96
C ASP B 120 -19.87 9.09 6.55
N ASN B 121 -19.30 9.61 7.62
CA ASN B 121 -19.83 10.79 8.28
C ASN B 121 -18.94 11.98 7.99
N LEU B 122 -19.51 13.11 7.59
CA LEU B 122 -18.71 14.32 7.50
C LEU B 122 -19.24 15.46 8.34
N TYR B 123 -18.28 16.18 8.92
CA TYR B 123 -18.46 17.24 9.87
C TYR B 123 -17.83 18.56 9.34
N TYR B 124 -18.52 19.68 9.57
CA TYR B 124 -17.99 20.96 9.20
C TYR B 124 -18.42 22.01 10.24
N GLY B 125 -17.54 22.96 10.57
CA GLY B 125 -17.98 24.20 11.17
C GLY B 125 -17.01 24.87 12.11
N HIS B 126 -17.49 25.93 12.76
CA HIS B 126 -16.62 26.87 13.41
C HIS B 126 -16.20 26.39 14.76
N ASP B 127 -14.88 26.37 14.97
CA ASP B 127 -14.33 25.99 16.23
C ASP B 127 -14.59 24.51 16.40
N PHE B 128 -14.66 23.80 15.28
CA PHE B 128 -14.88 22.36 15.35
C PHE B 128 -13.72 21.69 16.11
N HIS B 129 -12.52 22.25 15.96
CA HIS B 129 -11.32 21.85 16.67
C HIS B 129 -11.54 21.92 18.17
N GLU B 130 -12.12 23.02 18.64
CA GLU B 130 -12.29 23.25 20.07
C GLU B 130 -13.38 22.40 20.65
N LEU B 131 -14.39 22.07 19.85
CA LEU B 131 -15.49 21.23 20.30
C LEU B 131 -15.06 19.79 20.59
N LEU B 132 -14.14 19.27 19.77
CA LEU B 132 -13.62 17.93 19.93
C LEU B 132 -12.56 17.86 21.05
N GLY B 133 -11.64 18.82 21.05
CA GLY B 133 -10.64 18.93 22.09
C GLY B 133 -11.25 18.87 23.47
N SER B 134 -12.44 19.42 23.64
CA SER B 134 -13.02 19.45 24.98
C SER B 134 -13.74 18.11 25.27
N ALA B 135 -13.95 17.31 24.24
CA ALA B 135 -14.42 15.95 24.44
C ALA B 135 -13.22 15.03 24.70
N SER B 136 -12.10 15.34 24.06
CA SER B 136 -10.95 14.47 24.05
C SER B 136 -10.12 14.56 25.35
N GLN B 137 -10.24 15.71 26.01
CA GLN B 137 -9.58 16.02 27.29
C GLN B 137 -10.19 15.24 28.46
N ARG B 138 -11.51 15.05 28.44
CA ARG B 138 -12.16 14.21 29.46
C ARG B 138 -11.53 12.79 29.39
N GLN B 139 -10.49 12.52 30.16
CA GLN B 139 -9.84 11.20 30.05
C GLN B 139 -10.58 10.08 30.81
N THR B 140 -11.87 10.28 31.09
CA THR B 140 -12.68 9.36 31.88
C THR B 140 -14.08 9.19 31.34
N GLY B 141 -14.56 7.95 31.34
CA GLY B 141 -15.89 7.66 30.80
C GLY B 141 -15.97 7.89 29.29
N ALA B 142 -17.17 8.16 28.80
CA ALA B 142 -17.40 8.34 27.37
C ALA B 142 -17.98 9.74 27.04
N SER B 143 -17.75 10.18 25.81
CA SER B 143 -18.36 11.42 25.29
C SER B 143 -18.91 11.18 23.90
N VAL B 144 -20.17 11.60 23.67
CA VAL B 144 -20.80 11.56 22.34
C VAL B 144 -21.42 12.90 22.02
N PHE B 145 -22.02 13.02 20.83
CA PHE B 145 -22.60 14.26 20.42
C PHE B 145 -23.97 14.11 19.90
N ALA B 146 -24.83 15.05 20.27
CA ALA B 146 -26.21 15.05 19.86
C ALA B 146 -26.45 16.18 18.84
N TYR B 147 -27.12 15.85 17.76
CA TYR B 147 -27.35 16.83 16.69
C TYR B 147 -28.80 16.74 16.24
N HIS B 148 -29.49 17.87 16.14
CA HIS B 148 -30.93 17.88 15.77
C HIS B 148 -31.05 17.52 14.34
N VAL B 149 -31.87 16.52 14.05
CA VAL B 149 -32.07 16.08 12.65
C VAL B 149 -33.57 16.00 12.34
N LEU B 150 -33.90 15.85 11.06
CA LEU B 150 -35.28 15.58 10.61
C LEU B 150 -35.74 14.14 10.93
N ASP B 151 -34.84 13.18 10.72
CA ASP B 151 -35.18 11.75 10.59
C ASP B 151 -34.47 10.92 11.68
N PRO B 152 -34.74 11.24 12.97
CA PRO B 152 -33.96 10.54 13.98
C PRO B 152 -34.28 9.02 14.13
N GLU B 153 -35.41 8.54 13.55
CA GLU B 153 -35.64 7.09 13.34
C GLU B 153 -34.39 6.37 12.86
N ARG B 154 -33.52 7.08 12.12
CA ARG B 154 -32.43 6.43 11.40
C ARG B 154 -31.18 6.20 12.26
N TYR B 155 -31.13 6.78 13.46
CA TYR B 155 -29.96 6.74 14.33
C TYR B 155 -30.25 6.36 15.79
N GLY B 156 -29.19 6.48 16.59
CA GLY B 156 -29.30 6.47 18.04
C GLY B 156 -29.89 7.82 18.42
N VAL B 157 -30.96 7.77 19.23
CA VAL B 157 -31.68 8.94 19.70
C VAL B 157 -31.48 9.06 21.19
N VAL B 158 -31.25 10.29 21.63
CA VAL B 158 -31.04 10.55 23.04
C VAL B 158 -32.13 11.48 23.55
N GLU B 159 -32.70 11.15 24.70
CA GLU B 159 -33.76 11.92 25.30
C GLU B 159 -33.17 12.66 26.45
N PHE B 160 -33.61 13.89 26.65
CA PHE B 160 -33.10 14.72 27.74
C PHE B 160 -34.19 14.94 28.79
N ASP B 161 -33.82 15.22 30.03
CA ASP B 161 -34.82 15.70 31.00
C ASP B 161 -34.92 17.23 30.93
N GLN B 162 -35.89 17.82 31.62
CA GLN B 162 -36.16 19.27 31.56
C GLN B 162 -34.92 20.15 31.85
N GLY B 163 -34.02 19.66 32.68
CA GLY B 163 -32.80 20.39 33.01
C GLY B 163 -31.60 20.00 32.17
N GLY B 164 -31.83 19.47 30.96
CA GLY B 164 -30.75 19.20 30.00
C GLY B 164 -29.91 17.93 30.17
N LYS B 165 -30.31 17.03 31.08
CA LYS B 165 -29.61 15.75 31.32
C LYS B 165 -30.13 14.59 30.43
N ALA B 166 -29.23 13.70 30.02
CA ALA B 166 -29.66 12.64 29.11
C ALA B 166 -30.13 11.47 29.96
N ILE B 167 -31.29 10.90 29.65
CA ILE B 167 -31.89 9.89 30.55
C ILE B 167 -32.20 8.53 29.91
N SER B 168 -32.37 8.50 28.59
CA SER B 168 -32.40 7.26 27.78
C SER B 168 -31.66 7.37 26.43
N LEU B 169 -31.29 6.22 25.88
CA LEU B 169 -30.73 6.09 24.55
C LEU B 169 -31.50 4.96 23.88
N GLU B 170 -31.84 5.12 22.60
CA GLU B 170 -32.56 4.07 21.87
C GLU B 170 -31.96 4.02 20.48
N GLU B 171 -31.87 2.80 19.96
CA GLU B 171 -31.31 2.50 18.65
C GLU B 171 -32.39 2.44 17.59
N LYS B 172 -32.33 3.39 16.66
CA LYS B 172 -33.26 3.46 15.54
C LYS B 172 -34.75 3.36 15.93
N PRO B 173 -35.19 4.11 16.94
CA PRO B 173 -36.58 3.99 17.33
C PRO B 173 -37.61 4.38 16.26
N LEU B 174 -38.68 3.61 16.14
CA LEU B 174 -39.76 3.91 15.21
C LEU B 174 -40.58 5.14 15.67
N GLU B 175 -40.42 5.50 16.95
CA GLU B 175 -41.14 6.58 17.60
C GLU B 175 -40.13 7.27 18.49
N PRO B 176 -39.27 8.13 17.91
CA PRO B 176 -38.15 8.65 18.68
C PRO B 176 -38.64 9.56 19.78
N LYS B 177 -37.93 9.63 20.90
CA LYS B 177 -38.37 10.48 22.00
C LYS B 177 -38.05 11.94 21.77
N SER B 178 -37.10 12.20 20.85
CA SER B 178 -36.65 13.54 20.50
C SER B 178 -36.08 13.54 19.11
N ASN B 179 -35.61 14.71 18.68
CA ASN B 179 -35.03 14.90 17.37
C ASN B 179 -33.50 14.92 17.42
N TYR B 180 -32.97 14.62 18.60
CA TYR B 180 -31.54 14.57 18.81
C TYR B 180 -30.95 13.21 18.47
N ALA B 181 -30.26 13.15 17.31
CA ALA B 181 -29.47 11.95 16.94
C ALA B 181 -28.08 11.96 17.57
N VAL B 182 -27.50 10.79 17.81
CA VAL B 182 -26.15 10.71 18.29
C VAL B 182 -25.24 10.65 17.06
N THR B 183 -24.33 11.60 16.88
CA THR B 183 -23.43 11.48 15.70
C THR B 183 -22.47 10.31 15.78
N GLY B 184 -21.88 9.96 14.64
CA GLY B 184 -20.92 8.86 14.51
C GLY B 184 -19.48 9.18 14.85
N LEU B 185 -19.31 9.77 16.02
CA LEU B 185 -18.04 10.14 16.56
C LEU B 185 -18.11 9.95 18.07
N TYR B 186 -17.29 9.05 18.61
CA TYR B 186 -17.41 8.64 20.01
C TYR B 186 -16.04 8.61 20.69
N PHE B 187 -15.96 9.07 21.93
CA PHE B 187 -14.70 9.06 22.70
C PHE B 187 -14.84 8.14 23.91
N TYR B 188 -13.94 7.17 24.03
CA TYR B 188 -14.05 6.11 25.05
C TYR B 188 -12.79 6.03 25.94
N ASP B 189 -12.97 5.64 27.22
CA ASP B 189 -11.80 5.39 28.07
C ASP B 189 -11.44 3.94 27.97
N GLN B 190 -10.71 3.42 28.97
CA GLN B 190 -10.32 2.01 28.95
C GLN B 190 -11.43 0.98 29.14
N GLN B 191 -12.64 1.39 29.51
CA GLN B 191 -13.69 0.41 29.82
C GLN B 191 -14.43 -0.11 28.58
N VAL B 192 -14.22 0.53 27.43
CA VAL B 192 -15.05 0.20 26.26
C VAL B 192 -14.86 -1.25 25.79
N VAL B 193 -13.64 -1.75 25.88
CA VAL B 193 -13.32 -3.13 25.49
C VAL B 193 -14.13 -4.16 26.30
N ASP B 194 -13.99 -4.12 27.62
CA ASP B 194 -14.73 -5.02 28.51
C ASP B 194 -16.25 -4.83 28.41
N ILE B 195 -16.69 -3.58 28.30
CA ILE B 195 -18.10 -3.30 28.05
C ILE B 195 -18.58 -3.98 26.78
N ALA B 196 -17.70 -4.04 25.77
CA ALA B 196 -18.02 -4.61 24.46
C ALA B 196 -18.04 -6.11 24.54
N ARG B 197 -17.14 -6.68 25.33
CA ARG B 197 -17.01 -8.14 25.46
C ARG B 197 -18.30 -8.80 25.94
N ASP B 198 -19.05 -8.11 26.80
CA ASP B 198 -20.27 -8.62 27.46
C ASP B 198 -21.59 -8.30 26.75
N LEU B 199 -21.61 -8.28 25.42
CA LEU B 199 -22.85 -7.92 24.73
C LEU B 199 -23.29 -8.98 23.73
N LYS B 200 -24.59 -9.31 23.78
CA LYS B 200 -25.15 -10.38 22.94
C LYS B 200 -25.77 -9.80 21.66
N PRO B 201 -25.46 -10.41 20.49
CA PRO B 201 -25.85 -9.86 19.18
C PRO B 201 -27.32 -9.50 19.09
N SER B 202 -27.60 -8.29 18.61
CA SER B 202 -28.92 -7.64 18.68
C SER B 202 -30.07 -8.28 17.87
N PRO B 203 -31.33 -7.96 18.22
CA PRO B 203 -32.47 -8.66 17.61
C PRO B 203 -32.70 -8.19 16.17
N LEU B 207 -24.55 -6.35 17.56
CA LEU B 207 -23.62 -5.66 18.47
C LEU B 207 -23.68 -4.13 18.33
N GLU B 208 -24.60 -3.51 19.06
CA GLU B 208 -24.91 -2.09 18.82
C GLU B 208 -23.96 -1.13 19.55
N ILE B 209 -23.56 -0.05 18.87
CA ILE B 209 -22.85 1.04 19.54
C ILE B 209 -23.71 1.69 20.65
N THR B 210 -25.02 1.74 20.44
CA THR B 210 -25.96 2.26 21.43
C THR B 210 -25.98 1.45 22.72
N ASP B 211 -25.87 0.11 22.62
CA ASP B 211 -25.77 -0.74 23.84
C ASP B 211 -24.53 -0.39 24.64
N VAL B 212 -23.40 -0.27 23.93
CA VAL B 212 -22.18 0.27 24.51
C VAL B 212 -22.41 1.60 25.22
N ASN B 213 -23.08 2.54 24.56
CA ASN B 213 -23.21 3.88 25.12
C ASN B 213 -24.15 3.85 26.29
N ARG B 214 -25.12 2.93 26.24
CA ARG B 214 -26.06 2.79 27.33
C ARG B 214 -25.38 2.29 28.61
N ALA B 215 -24.40 1.40 28.47
CA ALA B 215 -23.64 0.96 29.65
C ALA B 215 -22.90 2.11 30.30
N TYR B 216 -22.28 2.99 29.52
CA TYR B 216 -21.67 4.22 30.07
C TYR B 216 -22.66 5.19 30.71
N LEU B 217 -23.84 5.30 30.12
CA LEU B 217 -24.91 6.10 30.69
C LEU B 217 -25.39 5.49 32.02
N GLU B 218 -25.55 4.16 32.07
CA GLU B 218 -25.95 3.42 33.30
C GLU B 218 -24.96 3.57 34.47
N ARG B 219 -23.65 3.47 34.22
CA ARG B 219 -22.62 3.82 35.22
C ARG B 219 -22.56 5.33 35.48
N GLY B 220 -23.48 6.10 34.88
CA GLY B 220 -23.48 7.58 35.00
C GLY B 220 -22.21 8.23 34.48
N GLN B 221 -21.66 7.71 33.38
CA GLN B 221 -20.37 8.19 32.86
C GLN B 221 -20.33 8.65 31.39
N LEU B 222 -21.50 8.81 30.78
CA LEU B 222 -21.65 9.33 29.44
C LEU B 222 -21.82 10.85 29.50
N SER B 223 -20.93 11.57 28.86
CA SER B 223 -21.21 12.95 28.53
C SER B 223 -21.83 13.04 27.13
N VAL B 224 -22.99 13.68 27.05
CA VAL B 224 -23.66 14.02 25.79
C VAL B 224 -23.55 15.55 25.52
N GLU B 225 -22.62 15.96 24.67
CA GLU B 225 -22.51 17.37 24.28
C GLU B 225 -23.41 17.66 23.07
N ILE B 226 -24.08 18.80 23.10
CA ILE B 226 -24.78 19.30 21.92
C ILE B 226 -23.79 19.84 20.83
N MET B 227 -23.98 19.37 19.58
CA MET B 227 -23.33 19.90 18.41
C MET B 227 -24.43 20.74 17.72
N GLY B 228 -24.15 22.04 17.59
CA GLY B 228 -25.20 23.05 17.39
C GLY B 228 -25.66 22.97 15.97
N ARG B 229 -26.83 23.53 15.67
CA ARG B 229 -27.28 23.70 14.30
C ARG B 229 -26.22 24.50 13.46
N GLY B 230 -25.20 25.02 14.13
CA GLY B 230 -24.16 25.76 13.44
C GLY B 230 -23.19 24.85 12.72
N TYR B 231 -23.18 23.56 13.11
CA TYR B 231 -22.32 22.56 12.49
C TYR B 231 -23.12 21.82 11.47
N ALA B 232 -22.44 21.30 10.47
CA ALA B 232 -23.07 20.47 9.45
C ALA B 232 -22.58 19.10 9.79
N TRP B 233 -23.50 18.19 9.99
CA TRP B 233 -23.18 16.79 10.12
C TRP B 233 -23.91 16.11 9.02
N LEU B 234 -23.17 15.57 8.07
CA LEU B 234 -23.84 14.89 6.96
C LEU B 234 -23.41 13.43 6.95
N ASP B 235 -24.27 12.53 6.51
CA ASP B 235 -23.70 11.25 6.13
C ASP B 235 -24.06 10.89 4.71
N THR B 236 -23.22 10.06 4.14
CA THR B 236 -23.09 9.95 2.74
C THR B 236 -23.30 8.52 2.36
N GLY B 237 -24.30 7.85 2.95
CA GLY B 237 -24.50 6.43 2.68
C GLY B 237 -25.67 6.05 1.79
N THR B 238 -26.24 7.03 1.11
CA THR B 238 -27.12 6.78 0.00
C THR B 238 -26.61 7.55 -1.19
N HIS B 239 -27.10 7.20 -2.36
CA HIS B 239 -26.73 7.89 -3.58
C HIS B 239 -27.10 9.35 -3.53
N ASP B 240 -28.27 9.67 -3.00
CA ASP B 240 -28.76 11.06 -2.95
C ASP B 240 -27.95 11.92 -1.99
N SER B 241 -27.68 11.35 -0.82
CA SER B 241 -26.98 12.11 0.22
C SER B 241 -25.48 12.34 -0.09
N LEU B 242 -24.87 11.42 -0.84
CA LEU B 242 -23.47 11.49 -1.23
C LEU B 242 -23.31 12.66 -2.20
N LEU B 243 -24.27 12.71 -3.10
CA LEU B 243 -24.43 13.77 -4.04
C LEU B 243 -24.71 15.14 -3.36
N GLU B 244 -25.59 15.19 -2.35
CA GLU B 244 -25.75 16.43 -1.56
C GLU B 244 -24.50 16.86 -0.83
N ALA B 245 -23.79 15.90 -0.23
CA ALA B 245 -22.57 16.27 0.48
C ALA B 245 -21.52 16.87 -0.50
N GLY B 246 -21.54 16.39 -1.73
CA GLY B 246 -20.68 16.84 -2.82
C GLY B 246 -20.92 18.28 -3.23
N GLN B 247 -22.17 18.62 -3.56
CA GLN B 247 -22.59 20.01 -3.71
CA GLN B 247 -22.57 20.02 -3.74
C GLN B 247 -22.22 20.90 -2.53
N PHE B 248 -22.44 20.39 -1.32
CA PHE B 248 -22.10 21.14 -0.13
C PHE B 248 -20.59 21.53 -0.02
N ILE B 249 -19.70 20.56 -0.21
CA ILE B 249 -18.27 20.78 -0.02
C ILE B 249 -17.77 21.69 -1.16
N ALA B 250 -18.18 21.39 -2.40
CA ALA B 250 -17.88 22.22 -3.56
C ALA B 250 -18.24 23.68 -3.37
N THR B 251 -19.39 23.94 -2.76
CA THR B 251 -19.89 25.28 -2.58
C THR B 251 -19.04 26.05 -1.60
N LEU B 252 -18.71 25.44 -0.47
CA LEU B 252 -17.70 26.00 0.45
C LEU B 252 -16.31 26.24 -0.21
N GLU B 253 -15.73 25.20 -0.82
CA GLU B 253 -14.37 25.26 -1.33
C GLU B 253 -14.21 26.27 -2.46
N ASN B 254 -15.14 26.29 -3.40
CA ASN B 254 -15.12 27.28 -4.44
C ASN B 254 -15.42 28.71 -3.95
N ARG B 255 -16.25 28.87 -2.92
CA ARG B 255 -16.45 30.17 -2.30
C ARG B 255 -15.17 30.68 -1.64
N GLN B 256 -14.49 29.81 -0.88
CA GLN B 256 -13.37 30.17 -0.01
C GLN B 256 -11.97 30.21 -0.68
N GLY B 257 -11.75 29.38 -1.68
CA GLY B 257 -10.40 28.96 -2.03
C GLY B 257 -9.68 28.30 -0.86
N LEU B 258 -10.44 27.68 0.05
CA LEU B 258 -9.87 26.83 1.12
C LEU B 258 -10.43 25.46 0.96
N LYS B 259 -9.85 24.46 1.59
CA LYS B 259 -10.41 23.14 1.39
C LYS B 259 -10.98 22.61 2.72
N VAL B 260 -11.91 21.69 2.63
CA VAL B 260 -12.47 21.01 3.84
C VAL B 260 -11.95 19.59 3.84
N ALA B 261 -11.36 19.21 4.94
CA ALA B 261 -10.89 17.84 5.10
C ALA B 261 -9.73 17.46 4.18
N CYS B 262 -8.73 18.34 4.12
CA CYS B 262 -7.46 18.10 3.39
C CYS B 262 -6.44 17.66 4.43
N PRO B 263 -6.19 16.35 4.55
CA PRO B 263 -5.32 15.83 5.62
C PRO B 263 -3.90 16.44 5.67
N GLU B 264 -3.30 16.67 4.50
CA GLU B 264 -2.00 17.34 4.41
C GLU B 264 -1.98 18.69 5.11
N GLU B 265 -2.97 19.52 4.82
CA GLU B 265 -3.13 20.82 5.49
C GLU B 265 -3.37 20.67 6.98
N ILE B 266 -4.30 19.80 7.37
CA ILE B 266 -4.46 19.54 8.80
C ILE B 266 -3.15 19.04 9.44
N ALA B 267 -2.47 18.09 8.82
CA ALA B 267 -1.20 17.69 9.48
C ALA B 267 -0.17 18.85 9.59
N TYR B 268 -0.07 19.68 8.55
CA TYR B 268 0.77 20.88 8.57
C TYR B 268 0.37 21.91 9.62
N ARG B 269 -0.92 22.22 9.75
CA ARG B 269 -1.28 23.22 10.77
C ARG B 269 -1.20 22.64 12.17
N GLN B 270 -1.24 21.30 12.26
CA GLN B 270 -1.16 20.61 13.56
C GLN B 270 0.27 20.44 14.04
N LYS B 271 1.23 20.94 13.24
CA LYS B 271 2.67 20.75 13.43
C LYS B 271 3.13 19.28 13.37
N TRP B 272 2.47 18.44 12.55
CA TRP B 272 2.91 17.04 12.41
C TRP B 272 3.81 16.82 11.22
N ILE B 273 3.90 17.81 10.36
CA ILE B 273 4.90 17.79 9.30
C ILE B 273 5.23 19.24 9.14
N ASP B 274 6.35 19.55 8.47
CA ASP B 274 6.82 20.92 8.34
C ASP B 274 6.68 21.38 6.93
N ALA B 275 7.26 22.56 6.64
CA ALA B 275 7.15 23.16 5.31
C ALA B 275 7.85 22.30 4.26
N ALA B 276 8.97 21.72 4.65
CA ALA B 276 9.76 20.87 3.75
C ALA B 276 9.01 19.60 3.40
N GLN B 277 8.49 18.92 4.42
CA GLN B 277 7.69 17.72 4.16
C GLN B 277 6.38 18.07 3.47
N LEU B 278 5.83 19.26 3.72
CA LEU B 278 4.69 19.72 2.89
C LEU B 278 5.04 19.88 1.42
N GLU B 279 6.12 20.60 1.14
CA GLU B 279 6.60 20.75 -0.23
C GLU B 279 6.82 19.42 -0.94
N LYS B 280 7.37 18.44 -0.23
CA LYS B 280 7.60 17.10 -0.80
C LYS B 280 6.30 16.43 -1.20
N LEU B 281 5.22 16.70 -0.45
CA LEU B 281 3.88 16.18 -0.78
C LEU B 281 3.22 16.89 -1.98
N ALA B 282 3.49 18.19 -2.07
CA ALA B 282 3.00 19.05 -3.17
C ALA B 282 3.59 18.76 -4.52
N ALA B 283 4.85 18.32 -4.56
CA ALA B 283 5.59 18.14 -5.83
C ALA B 283 4.95 17.12 -6.81
N PRO B 284 4.73 15.86 -6.38
CA PRO B 284 4.21 14.90 -7.37
C PRO B 284 2.77 15.21 -7.75
N LEU B 285 2.31 16.43 -7.47
CA LEU B 285 0.93 16.82 -7.66
C LEU B 285 0.84 18.25 -8.18
N ALA B 286 1.99 18.83 -8.53
CA ALA B 286 2.10 20.24 -8.96
C ALA B 286 1.15 20.65 -10.08
N LYS B 287 0.73 19.66 -10.88
CA LYS B 287 0.01 19.92 -12.13
C LYS B 287 -1.49 19.63 -12.01
N ASN B 288 -1.98 19.53 -10.78
CA ASN B 288 -3.42 19.65 -10.51
C ASN B 288 -3.58 20.71 -9.46
N GLY B 289 -4.82 21.24 -9.35
CA GLY B 289 -5.18 22.31 -8.40
C GLY B 289 -4.92 21.95 -6.94
N TYR B 290 -5.02 20.65 -6.63
CA TYR B 290 -4.81 20.12 -5.28
C TYR B 290 -3.35 20.32 -4.83
N GLY B 291 -2.42 19.83 -5.65
CA GLY B 291 -1.00 20.14 -5.53
C GLY B 291 -0.71 21.63 -5.44
N GLN B 292 -1.29 22.41 -6.36
CA GLN B 292 -1.13 23.88 -6.35
C GLN B 292 -1.59 24.42 -5.01
N TYR B 293 -2.74 23.90 -4.54
CA TYR B 293 -3.26 24.28 -3.23
C TYR B 293 -2.28 23.97 -2.06
N LEU B 294 -1.62 22.82 -2.13
CA LEU B 294 -0.70 22.45 -1.08
C LEU B 294 0.48 23.38 -1.07
N LYS B 295 0.96 23.73 -2.25
CA LYS B 295 2.05 24.69 -2.44
C LYS B 295 1.70 26.05 -1.84
N ARG B 296 0.57 26.63 -2.27
CA ARG B 296 0.09 27.90 -1.73
C ARG B 296 -0.04 27.96 -0.22
N LEU B 297 -0.18 26.81 0.46
CA LEU B 297 -0.18 26.76 1.94
C LEU B 297 1.17 27.12 2.55
N LEU B 298 2.25 26.90 1.78
CA LEU B 298 3.61 27.21 2.25
C LEU B 298 3.83 28.71 2.41
N THR B 299 3.18 29.52 1.57
CA THR B 299 3.39 30.99 1.53
C THR B 299 2.22 31.86 2.00
N GLU B 300 0.98 31.35 1.92
CA GLU B 300 -0.20 32.12 2.40
C GLU B 300 -0.44 32.01 3.90
N THR B 301 -0.61 33.15 4.56
CA THR B 301 -1.10 33.18 5.93
C THR B 301 -2.61 32.97 5.83
N VAL B 302 -3.11 32.01 6.62
CA VAL B 302 -4.54 31.75 6.73
C VAL B 302 -4.97 31.73 8.21
N TYR B 303 -5.96 32.55 8.52
CA TYR B 303 -6.40 32.71 9.89
C TYR B 303 -7.41 31.63 10.33
N MET C 11 -23.07 -5.20 -43.07
CA MET C 11 -21.77 -5.53 -42.39
C MET C 11 -21.81 -5.25 -40.89
N LYS C 12 -21.07 -6.04 -40.11
CA LYS C 12 -21.03 -5.87 -38.66
C LYS C 12 -20.12 -4.74 -38.23
N ARG C 13 -20.56 -4.04 -37.19
CA ARG C 13 -19.78 -2.95 -36.63
C ARG C 13 -19.33 -3.31 -35.22
N LYS C 14 -18.08 -2.97 -34.92
CA LYS C 14 -17.49 -3.18 -33.59
C LYS C 14 -17.24 -1.84 -32.91
N GLY C 15 -17.21 -1.86 -31.58
CA GLY C 15 -17.09 -0.62 -30.81
C GLY C 15 -15.92 -0.62 -29.87
N ILE C 16 -15.29 0.55 -29.73
CA ILE C 16 -14.16 0.74 -28.84
C ILE C 16 -14.56 1.82 -27.86
N ILE C 17 -14.41 1.55 -26.56
CA ILE C 17 -14.51 2.59 -25.52
C ILE C 17 -13.11 2.96 -25.07
N LEU C 18 -12.69 4.19 -25.34
CA LEU C 18 -11.41 4.64 -24.85
C LEU C 18 -11.54 5.28 -23.46
N ALA C 19 -11.23 4.50 -22.43
CA ALA C 19 -11.20 4.94 -21.04
C ALA C 19 -9.78 5.37 -20.65
N GLY C 20 -9.32 6.47 -21.26
CA GLY C 20 -7.96 6.94 -21.16
C GLY C 20 -7.64 7.57 -19.84
N GLY C 21 -6.34 7.63 -19.55
CA GLY C 21 -5.81 8.09 -18.27
C GLY C 21 -5.87 9.59 -18.06
N SER C 22 -6.47 9.98 -16.92
CA SER C 22 -6.66 11.38 -16.56
C SER C 22 -5.43 11.92 -15.84
N GLY C 23 -4.37 11.12 -15.85
CA GLY C 23 -3.14 11.43 -15.12
C GLY C 23 -3.44 11.69 -13.66
N THR C 24 -3.22 12.94 -13.25
CA THR C 24 -3.34 13.35 -11.86
C THR C 24 -4.37 14.48 -11.72
N ARG C 25 -5.11 14.78 -12.78
CA ARG C 25 -6.03 15.92 -12.77
C ARG C 25 -7.18 15.77 -11.75
N LEU C 26 -7.55 14.53 -11.42
CA LEU C 26 -8.62 14.26 -10.43
C LEU C 26 -8.12 13.72 -9.09
N HIS C 27 -6.85 13.95 -8.80
CA HIS C 27 -6.29 13.53 -7.50
C HIS C 27 -6.86 14.35 -6.40
N PRO C 28 -7.08 13.75 -5.22
CA PRO C 28 -6.84 12.34 -4.86
C PRO C 28 -8.03 11.37 -5.09
N ALA C 29 -9.19 11.86 -5.57
CA ALA C 29 -10.31 10.97 -5.91
C ALA C 29 -9.81 9.80 -6.76
N THR C 30 -8.88 10.09 -7.68
CA THR C 30 -8.37 9.07 -8.57
C THR C 30 -7.17 8.21 -8.08
N LEU C 31 -6.54 8.56 -6.96
CA LEU C 31 -5.63 7.60 -6.28
C LEU C 31 -6.41 6.35 -5.83
N ALA C 32 -7.66 6.57 -5.39
CA ALA C 32 -8.57 5.52 -4.92
C ALA C 32 -9.04 4.55 -6.01
N ILE C 33 -9.18 5.05 -7.24
CA ILE C 33 -9.55 4.25 -8.43
C ILE C 33 -9.64 5.08 -9.70
N SER C 34 -9.74 4.41 -10.86
CA SER C 34 -9.74 5.07 -12.17
C SER C 34 -10.94 5.95 -12.34
N LYS C 35 -10.72 7.06 -13.02
CA LYS C 35 -11.75 8.01 -13.32
C LYS C 35 -13.04 7.31 -13.78
N GLN C 36 -12.91 6.39 -14.72
CA GLN C 36 -14.06 5.87 -15.44
C GLN C 36 -14.75 4.79 -14.64
N LEU C 37 -14.27 4.59 -13.41
CA LEU C 37 -14.97 3.80 -12.41
C LEU C 37 -15.68 4.66 -11.34
N LEU C 38 -15.41 5.96 -11.37
CA LEU C 38 -16.07 6.95 -10.48
C LEU C 38 -17.56 6.94 -10.74
N PRO C 39 -18.38 7.05 -9.70
CA PRO C 39 -19.78 6.91 -10.09
C PRO C 39 -20.36 8.25 -10.55
N VAL C 40 -21.25 8.21 -11.57
CA VAL C 40 -22.15 9.32 -11.94
C VAL C 40 -23.54 8.94 -11.43
N TYR C 41 -24.01 9.67 -10.40
CA TYR C 41 -25.14 9.30 -9.53
C TYR C 41 -25.03 7.91 -8.89
N ASP C 42 -25.59 6.92 -9.56
CA ASP C 42 -25.74 5.63 -8.96
C ASP C 42 -24.96 4.56 -9.70
N LYS C 43 -24.29 4.90 -10.80
CA LYS C 43 -23.59 3.90 -11.59
C LYS C 43 -22.17 4.28 -12.04
N PRO C 44 -21.29 3.29 -12.25
CA PRO C 44 -19.93 3.69 -12.57
C PRO C 44 -19.92 4.39 -13.91
N MET C 45 -19.12 5.44 -14.03
CA MET C 45 -19.05 6.22 -15.27
C MET C 45 -19.08 5.37 -16.55
N ILE C 46 -18.43 4.21 -16.54
CA ILE C 46 -18.27 3.39 -17.75
C ILE C 46 -19.61 2.90 -18.32
N TYR C 47 -20.56 2.62 -17.44
CA TYR C 47 -21.90 2.24 -17.88
C TYR C 47 -22.50 3.22 -18.92
N TYR C 48 -22.20 4.52 -18.83
CA TYR C 48 -22.72 5.50 -19.81
C TYR C 48 -22.15 5.36 -21.27
N PRO C 49 -20.82 5.38 -21.47
CA PRO C 49 -20.34 5.09 -22.83
C PRO C 49 -20.64 3.63 -23.29
N LEU C 50 -20.55 2.66 -22.39
CA LEU C 50 -21.01 1.31 -22.70
C LEU C 50 -22.45 1.30 -23.19
N SER C 51 -23.36 1.93 -22.45
CA SER C 51 -24.80 2.01 -22.84
C SER C 51 -25.04 2.70 -24.16
N THR C 52 -24.20 3.67 -24.47
CA THR C 52 -24.26 4.34 -25.78
C THR C 52 -23.98 3.33 -26.88
N LEU C 53 -22.94 2.51 -26.74
CA LEU C 53 -22.55 1.60 -27.83
C LEU C 53 -23.69 0.67 -28.07
N MET C 54 -24.30 0.18 -26.98
CA MET C 54 -25.46 -0.69 -27.05
C MET C 54 -26.61 -0.02 -27.82
N LEU C 55 -26.86 1.25 -27.54
CA LEU C 55 -27.91 1.95 -28.24
C LEU C 55 -27.64 2.02 -29.71
N ALA C 56 -26.37 1.91 -30.10
CA ALA C 56 -26.04 1.83 -31.52
C ALA C 56 -26.13 0.41 -32.07
N GLY C 57 -26.52 -0.54 -31.23
CA GLY C 57 -26.71 -1.92 -31.69
C GLY C 57 -25.43 -2.71 -31.75
N ILE C 58 -24.41 -2.28 -30.99
CA ILE C 58 -23.10 -2.95 -30.98
C ILE C 58 -22.91 -3.83 -29.73
N ARG C 59 -22.58 -5.10 -29.93
CA ARG C 59 -22.36 -6.05 -28.84
C ARG C 59 -20.88 -6.28 -28.62
N GLU C 60 -20.08 -5.99 -29.65
CA GLU C 60 -18.67 -6.38 -29.71
C GLU C 60 -17.84 -5.16 -29.52
N ILE C 61 -17.08 -5.17 -28.40
CA ILE C 61 -16.59 -3.96 -27.77
C ILE C 61 -15.22 -4.15 -27.11
N LEU C 62 -14.23 -3.40 -27.61
CA LEU C 62 -12.94 -3.34 -26.95
C LEU C 62 -12.88 -2.17 -25.97
N ILE C 63 -12.48 -2.47 -24.74
CA ILE C 63 -12.21 -1.43 -23.75
C ILE C 63 -10.69 -1.22 -23.60
N ILE C 64 -10.21 -0.03 -23.97
CA ILE C 64 -8.83 0.38 -23.76
C ILE C 64 -8.69 1.33 -22.55
N SER C 65 -7.67 1.12 -21.73
CA SER C 65 -7.25 2.09 -20.69
C SER C 65 -5.80 1.82 -20.26
N THR C 66 -5.37 2.43 -19.16
CA THR C 66 -4.04 2.28 -18.63
C THR C 66 -3.68 0.83 -18.23
N PRO C 67 -2.38 0.48 -18.25
CA PRO C 67 -2.05 -0.81 -17.64
C PRO C 67 -2.64 -1.00 -16.21
N GLN C 68 -2.74 0.08 -15.43
CA GLN C 68 -3.21 -0.04 -14.05
C GLN C 68 -4.75 -0.19 -13.97
N ASP C 69 -5.47 0.47 -14.86
CA ASP C 69 -6.94 0.49 -14.80
C ASP C 69 -7.64 -0.65 -15.53
N THR C 70 -7.08 -1.05 -16.66
CA THR C 70 -7.64 -2.12 -17.46
C THR C 70 -8.06 -3.40 -16.71
N PRO C 71 -7.18 -3.95 -15.85
CA PRO C 71 -7.65 -5.18 -15.20
C PRO C 71 -8.86 -4.91 -14.30
N ARG C 72 -9.02 -3.65 -13.90
CA ARG C 72 -10.11 -3.29 -12.99
C ARG C 72 -11.42 -3.20 -13.75
N PHE C 73 -11.38 -2.73 -14.99
CA PHE C 73 -12.56 -2.87 -15.85
C PHE C 73 -12.93 -4.33 -16.09
N GLN C 74 -11.91 -5.15 -16.38
CA GLN C 74 -12.06 -6.59 -16.57
C GLN C 74 -12.68 -7.18 -15.29
N GLN C 75 -12.13 -6.78 -14.16
CA GLN C 75 -12.60 -7.24 -12.86
C GLN C 75 -14.07 -6.81 -12.63
N LEU C 76 -14.47 -5.66 -13.16
CA LEU C 76 -15.87 -5.24 -13.05
C LEU C 76 -16.81 -5.98 -14.02
N LEU C 77 -16.54 -5.84 -15.32
CA LEU C 77 -17.53 -6.19 -16.36
C LEU C 77 -17.41 -7.62 -16.89
N GLY C 78 -16.28 -8.28 -16.60
CA GLY C 78 -16.01 -9.62 -17.10
C GLY C 78 -15.89 -9.60 -18.61
N ASP C 79 -16.42 -10.63 -19.26
CA ASP C 79 -16.42 -10.71 -20.72
C ASP C 79 -17.76 -10.25 -21.35
N GLY C 80 -18.69 -9.78 -20.51
CA GLY C 80 -19.97 -9.26 -20.97
C GLY C 80 -21.05 -10.28 -21.32
N SER C 81 -20.70 -11.57 -21.17
CA SER C 81 -21.60 -12.66 -21.49
C SER C 81 -22.87 -12.59 -20.67
N ASN C 82 -22.78 -12.05 -19.46
CA ASN C 82 -23.95 -11.98 -18.60
C ASN C 82 -24.98 -10.95 -19.10
N TRP C 83 -24.51 -10.03 -19.94
CA TRP C 83 -25.40 -9.06 -20.55
C TRP C 83 -25.48 -9.23 -22.07
N GLY C 84 -25.26 -10.44 -22.58
CA GLY C 84 -25.32 -10.70 -24.03
C GLY C 84 -24.31 -9.94 -24.88
N LEU C 85 -23.17 -9.54 -24.29
CA LEU C 85 -22.09 -8.82 -25.02
C LEU C 85 -20.85 -9.69 -25.23
N ASP C 86 -19.90 -9.13 -25.97
CA ASP C 86 -18.59 -9.76 -26.21
C ASP C 86 -17.54 -8.68 -25.92
N LEU C 87 -16.97 -8.75 -24.71
CA LEU C 87 -16.04 -7.73 -24.26
C LEU C 87 -14.62 -8.27 -24.32
N GLN C 88 -13.73 -7.45 -24.85
CA GLN C 88 -12.30 -7.74 -24.90
C GLN C 88 -11.57 -6.53 -24.37
N TYR C 89 -10.41 -6.75 -23.75
CA TYR C 89 -9.62 -5.68 -23.18
C TYR C 89 -8.23 -5.51 -23.83
N ALA C 90 -7.77 -4.28 -23.85
CA ALA C 90 -6.46 -3.94 -24.39
C ALA C 90 -5.93 -2.68 -23.69
N VAL C 91 -4.63 -2.63 -23.39
CA VAL C 91 -4.03 -1.50 -22.63
C VAL C 91 -3.40 -0.39 -23.51
N GLN C 92 -3.31 0.82 -22.97
CA GLN C 92 -2.56 1.92 -23.62
C GLN C 92 -1.45 2.38 -22.68
N PRO C 93 -0.21 1.91 -22.94
CA PRO C 93 0.87 2.06 -21.96
C PRO C 93 1.06 3.51 -21.58
N SER C 94 0.83 4.40 -22.56
CA SER C 94 1.05 5.82 -22.42
C SER C 94 -0.03 6.62 -23.13
N PRO C 95 -0.56 7.67 -22.47
CA PRO C 95 -1.52 8.56 -23.13
C PRO C 95 -0.84 9.45 -24.18
N ASP C 96 -0.58 8.89 -25.36
CA ASP C 96 -0.02 9.67 -26.48
C ASP C 96 -1.02 9.80 -27.63
N GLY C 97 -2.21 10.32 -27.32
CA GLY C 97 -3.24 10.55 -28.33
C GLY C 97 -4.40 9.57 -28.36
N LEU C 98 -5.56 10.08 -28.78
CA LEU C 98 -6.76 9.26 -28.90
C LEU C 98 -6.66 8.27 -30.07
N ALA C 99 -6.01 8.68 -31.17
CA ALA C 99 -5.95 7.84 -32.39
C ALA C 99 -5.23 6.50 -32.21
N GLN C 100 -4.39 6.41 -31.20
CA GLN C 100 -3.68 5.19 -30.87
C GLN C 100 -4.65 4.05 -30.56
N ALA C 101 -5.92 4.39 -30.39
CA ALA C 101 -6.99 3.41 -30.18
C ALA C 101 -7.11 2.49 -31.38
N PHE C 102 -6.84 3.02 -32.57
CA PHE C 102 -6.95 2.21 -33.77
C PHE C 102 -5.70 1.34 -33.98
N LEU C 103 -4.62 1.64 -33.28
CA LEU C 103 -3.43 0.83 -33.47
C LEU C 103 -3.48 -0.30 -32.46
N ILE C 104 -3.84 0.03 -31.23
CA ILE C 104 -3.99 -0.96 -30.17
C ILE C 104 -5.13 -1.93 -30.56
N GLY C 105 -6.11 -1.40 -31.29
CA GLY C 105 -7.37 -2.10 -31.56
C GLY C 105 -7.43 -2.71 -32.94
N GLU C 106 -6.31 -2.61 -33.66
CA GLU C 106 -6.20 -3.12 -35.02
C GLU C 106 -6.73 -4.56 -35.23
N SER C 107 -6.17 -5.57 -34.58
CA SER C 107 -6.63 -6.95 -34.81
C SER C 107 -8.07 -7.18 -34.36
N PHE C 108 -8.51 -6.38 -33.37
CA PHE C 108 -9.92 -6.32 -32.96
C PHE C 108 -10.82 -5.85 -34.11
N ILE C 109 -10.47 -4.71 -34.73
CA ILE C 109 -11.22 -4.19 -35.87
C ILE C 109 -11.18 -5.17 -37.07
N GLY C 110 -9.99 -5.69 -37.39
CA GLY C 110 -9.80 -6.52 -38.57
C GLY C 110 -10.29 -5.77 -39.79
N ASN C 111 -11.20 -6.40 -40.54
CA ASN C 111 -11.72 -5.73 -41.72
C ASN C 111 -13.15 -5.25 -41.55
N ASP C 112 -13.57 -5.14 -40.29
CA ASP C 112 -14.93 -4.72 -39.98
C ASP C 112 -15.08 -3.22 -39.83
N LEU C 113 -16.32 -2.76 -39.69
CA LEU C 113 -16.67 -1.35 -39.43
C LEU C 113 -16.50 -1.10 -37.94
N SER C 114 -16.22 0.14 -37.54
CA SER C 114 -16.05 0.42 -36.10
C SER C 114 -16.79 1.70 -35.62
N ALA C 115 -16.73 1.93 -34.30
CA ALA C 115 -17.23 3.16 -33.67
C ALA C 115 -16.49 3.37 -32.35
N LEU C 116 -16.07 4.60 -32.12
CA LEU C 116 -15.31 4.90 -30.93
C LEU C 116 -16.08 5.83 -29.99
N VAL C 117 -15.92 5.62 -28.70
CA VAL C 117 -16.48 6.47 -27.65
C VAL C 117 -15.47 6.73 -26.57
N LEU C 118 -15.39 8.00 -26.21
CA LEU C 118 -14.68 8.46 -25.05
C LEU C 118 -15.39 7.95 -23.80
N GLY C 119 -14.58 7.48 -22.87
CA GLY C 119 -15.06 6.90 -21.60
C GLY C 119 -15.72 7.83 -20.59
N ASP C 120 -15.58 9.14 -20.78
CA ASP C 120 -16.17 10.09 -19.86
C ASP C 120 -17.22 11.04 -20.48
N ASN C 121 -17.81 10.63 -21.62
CA ASN C 121 -18.89 11.39 -22.26
C ASN C 121 -20.22 10.71 -21.96
N LEU C 122 -21.20 11.54 -21.63
CA LEU C 122 -22.56 11.13 -21.39
C LEU C 122 -23.56 11.68 -22.42
N TYR C 123 -24.52 10.85 -22.82
CA TYR C 123 -25.51 11.19 -23.85
C TYR C 123 -26.91 10.92 -23.30
N TYR C 124 -27.86 11.85 -23.51
CA TYR C 124 -29.29 11.59 -23.21
C TYR C 124 -30.25 12.22 -24.19
N GLY C 125 -31.34 11.53 -24.53
CA GLY C 125 -32.42 12.24 -25.22
C GLY C 125 -33.34 11.42 -26.08
N HIS C 126 -34.27 12.07 -26.78
CA HIS C 126 -35.32 11.37 -27.51
C HIS C 126 -34.87 10.82 -28.84
N ASP C 127 -35.17 9.54 -29.10
CA ASP C 127 -34.78 8.91 -30.37
C ASP C 127 -33.29 8.84 -30.53
N PHE C 128 -32.59 8.70 -29.42
CA PHE C 128 -31.16 8.66 -29.46
C PHE C 128 -30.72 7.38 -30.16
N HIS C 129 -31.41 6.29 -29.83
CA HIS C 129 -31.27 5.02 -30.51
C HIS C 129 -31.40 5.24 -32.01
N GLU C 130 -32.33 6.09 -32.42
CA GLU C 130 -32.57 6.35 -33.84
C GLU C 130 -31.48 7.23 -34.48
N LEU C 131 -30.94 8.21 -33.75
CA LEU C 131 -29.93 9.10 -34.29
C LEU C 131 -28.64 8.37 -34.66
N LEU C 132 -28.36 7.28 -33.95
CA LEU C 132 -27.15 6.50 -34.11
C LEU C 132 -27.33 5.36 -35.10
N GLY C 133 -28.34 4.52 -34.87
CA GLY C 133 -28.73 3.48 -35.83
C GLY C 133 -28.64 3.94 -37.29
N SER C 134 -28.84 5.24 -37.50
CA SER C 134 -28.69 5.90 -38.79
C SER C 134 -27.22 6.21 -39.23
N ALA C 135 -26.37 6.68 -38.34
CA ALA C 135 -24.95 6.81 -38.70
C ALA C 135 -24.27 5.45 -38.77
N SER C 136 -24.86 4.47 -38.11
CA SER C 136 -24.32 3.13 -37.99
C SER C 136 -24.53 2.29 -39.24
N GLN C 137 -25.61 2.62 -39.97
CA GLN C 137 -26.06 1.90 -41.17
C GLN C 137 -25.18 2.22 -42.37
N ARG C 138 -24.77 3.49 -42.48
CA ARG C 138 -23.81 3.98 -43.48
C ARG C 138 -22.50 3.21 -43.47
N GLN C 139 -22.25 2.48 -44.55
CA GLN C 139 -21.10 1.58 -44.68
C GLN C 139 -19.87 2.23 -45.31
N THR C 140 -19.98 3.51 -45.62
CA THR C 140 -18.95 4.21 -46.37
C THR C 140 -18.60 5.48 -45.62
N GLY C 141 -17.32 5.78 -45.48
CA GLY C 141 -16.91 7.02 -44.83
C GLY C 141 -16.97 6.97 -43.32
N ALA C 142 -16.77 8.14 -42.69
CA ALA C 142 -16.86 8.38 -41.26
C ALA C 142 -18.01 9.31 -40.93
N SER C 143 -18.64 9.04 -39.79
CA SER C 143 -19.73 9.90 -39.31
C SER C 143 -19.53 10.34 -37.86
N VAL C 144 -19.50 11.68 -37.70
CA VAL C 144 -19.34 12.37 -36.40
C VAL C 144 -20.52 13.34 -36.15
N PHE C 145 -20.55 13.91 -34.94
CA PHE C 145 -21.69 14.70 -34.51
C PHE C 145 -21.26 16.02 -33.96
N ALA C 146 -22.04 17.03 -34.29
CA ALA C 146 -21.82 18.40 -33.85
C ALA C 146 -22.87 18.84 -32.81
N TYR C 147 -22.39 19.43 -31.71
CA TYR C 147 -23.23 19.96 -30.65
C TYR C 147 -22.83 21.38 -30.33
N HIS C 148 -23.82 22.26 -30.31
CA HIS C 148 -23.59 23.60 -29.88
C HIS C 148 -23.16 23.64 -28.42
N VAL C 149 -21.98 24.20 -28.18
CA VAL C 149 -21.51 24.39 -26.81
C VAL C 149 -21.07 25.84 -26.46
N LEU C 150 -20.81 26.09 -25.16
CA LEU C 150 -20.37 27.42 -24.76
C LEU C 150 -18.87 27.60 -24.94
N ASP C 151 -18.11 26.54 -24.71
CA ASP C 151 -16.66 26.63 -24.66
C ASP C 151 -15.98 25.81 -25.76
N PRO C 152 -16.21 26.14 -27.04
CA PRO C 152 -15.72 25.28 -28.12
C PRO C 152 -14.21 25.06 -28.15
N GLU C 153 -13.45 26.03 -27.65
CA GLU C 153 -12.00 25.90 -27.38
C GLU C 153 -11.56 24.55 -26.78
N ARG C 154 -12.42 23.92 -25.98
CA ARG C 154 -12.07 22.67 -25.31
C ARG C 154 -12.14 21.43 -26.19
N TYR C 155 -12.61 21.58 -27.42
CA TYR C 155 -12.86 20.46 -28.31
C TYR C 155 -12.33 20.67 -29.73
N GLY C 156 -12.52 19.64 -30.54
CA GLY C 156 -12.52 19.77 -31.99
C GLY C 156 -13.67 20.65 -32.47
N VAL C 157 -13.36 21.66 -33.26
CA VAL C 157 -14.37 22.60 -33.69
C VAL C 157 -14.58 22.41 -35.19
N VAL C 158 -15.83 22.50 -35.62
CA VAL C 158 -16.21 22.22 -37.01
C VAL C 158 -16.92 23.41 -37.57
N GLU C 159 -16.46 23.82 -38.75
CA GLU C 159 -16.89 25.03 -39.37
C GLU C 159 -17.77 24.67 -40.55
N PHE C 160 -18.87 25.40 -40.70
CA PHE C 160 -19.84 25.19 -41.76
C PHE C 160 -19.85 26.40 -42.68
N ASP C 161 -20.11 26.13 -43.97
CA ASP C 161 -20.33 27.16 -44.98
C ASP C 161 -21.78 27.64 -44.98
N GLN C 162 -22.03 28.72 -45.72
CA GLN C 162 -23.37 29.31 -45.86
C GLN C 162 -24.52 28.33 -46.03
N GLY C 163 -24.23 27.14 -46.58
CA GLY C 163 -25.25 26.14 -46.88
C GLY C 163 -25.18 24.91 -46.00
N GLY C 164 -24.47 25.01 -44.88
CA GLY C 164 -24.46 23.94 -43.90
C GLY C 164 -23.46 22.83 -44.12
N LYS C 165 -22.59 22.95 -45.12
CA LYS C 165 -21.54 21.93 -45.37
C LYS C 165 -20.27 22.12 -44.53
N ALA C 166 -19.79 21.03 -43.94
CA ALA C 166 -18.60 21.10 -43.08
C ALA C 166 -17.32 21.29 -43.89
N ILE C 167 -16.62 22.38 -43.62
CA ILE C 167 -15.47 22.79 -44.43
C ILE C 167 -14.09 22.82 -43.77
N SER C 168 -14.05 22.96 -42.44
CA SER C 168 -12.78 22.92 -41.71
C SER C 168 -12.99 22.24 -40.35
N LEU C 169 -11.89 21.87 -39.70
CA LEU C 169 -11.90 21.12 -38.46
C LEU C 169 -10.61 21.37 -37.70
N GLU C 170 -10.72 21.99 -36.53
CA GLU C 170 -9.56 22.39 -35.77
C GLU C 170 -9.65 21.87 -34.37
N GLU C 171 -8.51 21.45 -33.83
CA GLU C 171 -8.44 20.85 -32.52
C GLU C 171 -8.04 21.88 -31.46
N LYS C 172 -9.01 22.24 -30.62
CA LYS C 172 -8.81 23.22 -29.52
C LYS C 172 -8.27 24.56 -29.97
N PRO C 173 -8.91 25.20 -30.99
CA PRO C 173 -8.36 26.45 -31.54
C PRO C 173 -8.45 27.58 -30.54
N LEU C 174 -7.47 28.46 -30.56
CA LEU C 174 -7.50 29.66 -29.71
C LEU C 174 -8.56 30.66 -30.21
N GLU C 175 -8.89 30.56 -31.50
CA GLU C 175 -9.92 31.38 -32.13
C GLU C 175 -11.00 30.48 -32.79
N PRO C 176 -11.91 29.93 -31.98
CA PRO C 176 -12.90 28.95 -32.49
C PRO C 176 -13.69 29.55 -33.65
N LYS C 177 -13.85 28.79 -34.72
CA LYS C 177 -14.46 29.32 -35.92
C LYS C 177 -15.99 29.24 -35.86
N SER C 178 -16.47 28.26 -35.09
CA SER C 178 -17.91 28.15 -34.76
C SER C 178 -18.06 27.73 -33.30
N ASN C 179 -19.31 27.57 -32.88
CA ASN C 179 -19.64 27.11 -31.52
C ASN C 179 -20.13 25.65 -31.55
N TYR C 180 -19.84 24.95 -32.64
CA TYR C 180 -20.17 23.54 -32.82
C TYR C 180 -18.99 22.63 -32.54
N ALA C 181 -19.05 21.92 -31.42
CA ALA C 181 -18.00 21.00 -31.06
C ALA C 181 -18.32 19.59 -31.55
N VAL C 182 -17.28 18.79 -31.81
CA VAL C 182 -17.42 17.40 -32.26
C VAL C 182 -17.49 16.52 -31.02
N THR C 183 -18.61 15.84 -30.85
CA THR C 183 -18.81 15.06 -29.62
C THR C 183 -17.88 13.85 -29.62
N GLY C 184 -17.76 13.20 -28.48
CA GLY C 184 -16.80 12.11 -28.34
C GLY C 184 -17.34 10.78 -28.79
N LEU C 185 -17.98 10.76 -29.96
CA LEU C 185 -18.53 9.51 -30.50
C LEU C 185 -18.36 9.51 -32.02
N TYR C 186 -17.78 8.42 -32.51
CA TYR C 186 -17.26 8.36 -33.86
C TYR C 186 -17.57 7.05 -34.54
N PHE C 187 -18.17 7.13 -35.72
CA PHE C 187 -18.33 5.98 -36.63
C PHE C 187 -17.30 5.93 -37.80
N TYR C 188 -16.76 4.73 -38.02
CA TYR C 188 -15.67 4.52 -39.00
C TYR C 188 -15.84 3.32 -39.94
N ASP C 189 -15.42 3.49 -41.18
CA ASP C 189 -15.38 2.40 -42.16
C ASP C 189 -14.04 1.70 -42.06
N GLN C 190 -13.69 0.92 -43.08
CA GLN C 190 -12.47 0.10 -43.13
C GLN C 190 -11.21 0.94 -43.27
N GLN C 191 -11.34 2.16 -43.76
CA GLN C 191 -10.16 2.98 -43.98
C GLN C 191 -9.52 3.56 -42.73
N VAL C 192 -9.98 3.20 -41.53
CA VAL C 192 -9.55 3.96 -40.35
C VAL C 192 -8.16 3.57 -39.85
N VAL C 193 -7.95 2.28 -39.66
CA VAL C 193 -6.65 1.78 -39.20
C VAL C 193 -5.49 2.30 -40.05
N ASP C 194 -5.64 2.29 -41.38
CA ASP C 194 -4.63 2.78 -42.31
C ASP C 194 -4.36 4.27 -42.18
N ILE C 195 -5.41 5.08 -42.06
CA ILE C 195 -5.21 6.53 -41.83
C ILE C 195 -4.38 6.82 -40.55
N ALA C 196 -4.63 6.03 -39.51
CA ALA C 196 -3.97 6.16 -38.20
C ALA C 196 -2.50 5.71 -38.23
N ARG C 197 -2.19 4.63 -38.95
CA ARG C 197 -0.80 4.21 -39.08
C ARG C 197 0.00 5.23 -39.90
N ASP C 198 -0.66 5.86 -40.87
CA ASP C 198 -0.09 6.93 -41.68
C ASP C 198 -0.03 8.30 -40.96
N LEU C 199 -0.45 8.33 -39.70
CA LEU C 199 -0.44 9.58 -38.93
C LEU C 199 0.90 9.85 -38.27
N LYS C 200 1.38 11.09 -38.39
CA LYS C 200 2.53 11.57 -37.62
C LYS C 200 2.07 12.43 -36.42
N PRO C 201 2.86 12.46 -35.32
CA PRO C 201 2.35 13.24 -34.19
C PRO C 201 2.29 14.77 -34.40
N SER C 202 1.41 15.39 -33.61
CA SER C 202 1.06 16.81 -33.66
C SER C 202 2.11 17.70 -32.98
N PRO C 203 1.85 19.02 -32.88
CA PRO C 203 2.64 19.88 -31.98
C PRO C 203 2.35 19.62 -30.50
N GLU C 206 1.03 13.33 -29.52
CA GLU C 206 -0.39 12.97 -29.61
C GLU C 206 -0.89 12.62 -31.03
N LEU C 207 -1.40 11.39 -31.16
CA LEU C 207 -2.12 10.99 -32.37
C LEU C 207 -3.55 11.52 -32.24
N GLU C 208 -3.76 12.71 -32.79
CA GLU C 208 -5.00 13.46 -32.68
C GLU C 208 -6.14 12.83 -33.48
N ILE C 209 -7.27 12.56 -32.79
CA ILE C 209 -8.50 12.08 -33.44
C ILE C 209 -8.98 13.04 -34.51
N THR C 210 -8.75 14.34 -34.31
CA THR C 210 -9.18 15.36 -35.29
C THR C 210 -8.49 15.21 -36.65
N ASP C 211 -7.23 14.75 -36.66
CA ASP C 211 -6.56 14.58 -37.95
C ASP C 211 -7.19 13.41 -38.68
N VAL C 212 -7.50 12.34 -37.95
CA VAL C 212 -8.29 11.23 -38.53
C VAL C 212 -9.58 11.78 -39.12
N ASN C 213 -10.22 12.73 -38.44
CA ASN C 213 -11.47 13.26 -38.99
C ASN C 213 -11.24 14.19 -40.16
N ARG C 214 -10.11 14.92 -40.16
CA ARG C 214 -9.77 15.73 -41.30
C ARG C 214 -9.40 14.87 -42.52
N ALA C 215 -8.69 13.77 -42.27
CA ALA C 215 -8.33 12.87 -43.34
C ALA C 215 -9.59 12.38 -44.08
N TYR C 216 -10.68 12.18 -43.35
CA TYR C 216 -11.95 11.83 -43.96
C TYR C 216 -12.62 13.02 -44.64
N LEU C 217 -12.54 14.20 -44.00
CA LEU C 217 -13.14 15.43 -44.57
C LEU C 217 -12.48 15.81 -45.89
N GLU C 218 -11.15 15.73 -45.90
CA GLU C 218 -10.37 16.12 -47.09
C GLU C 218 -10.66 15.17 -48.26
N ARG C 219 -11.00 13.91 -47.95
CA ARG C 219 -11.45 12.95 -48.98
C ARG C 219 -12.94 13.12 -49.30
N GLY C 220 -13.57 14.18 -48.81
CA GLY C 220 -15.03 14.35 -48.97
C GLY C 220 -15.88 13.19 -48.47
N GLN C 221 -15.40 12.49 -47.44
CA GLN C 221 -16.10 11.35 -46.85
C GLN C 221 -16.46 11.44 -45.35
N LEU C 222 -16.28 12.62 -44.73
CA LEU C 222 -16.83 12.89 -43.39
C LEU C 222 -18.26 13.39 -43.47
N SER C 223 -19.17 12.67 -42.85
CA SER C 223 -20.51 13.19 -42.66
C SER C 223 -20.62 13.75 -41.24
N VAL C 224 -20.75 15.07 -41.10
CA VAL C 224 -20.98 15.69 -39.79
C VAL C 224 -22.48 16.00 -39.51
N GLU C 225 -23.13 15.15 -38.72
CA GLU C 225 -24.55 15.38 -38.39
C GLU C 225 -24.76 16.21 -37.14
N ILE C 226 -25.81 17.02 -37.13
CA ILE C 226 -26.13 17.84 -35.95
C ILE C 226 -26.80 17.01 -34.85
N MET C 227 -26.25 17.10 -33.64
CA MET C 227 -26.94 16.64 -32.44
C MET C 227 -27.63 17.86 -31.85
N GLY C 228 -28.95 17.87 -31.96
CA GLY C 228 -29.75 19.02 -31.52
C GLY C 228 -29.63 19.40 -30.05
N ARG C 229 -29.99 20.63 -29.75
CA ARG C 229 -30.12 21.17 -28.40
C ARG C 229 -31.12 20.39 -27.47
N GLY C 230 -31.92 19.51 -28.03
CA GLY C 230 -32.84 18.69 -27.25
C GLY C 230 -32.22 17.41 -26.73
N TYR C 231 -30.95 17.17 -27.10
CA TYR C 231 -30.12 16.15 -26.48
C TYR C 231 -29.22 16.80 -25.46
N ALA C 232 -28.87 16.07 -24.43
CA ALA C 232 -27.85 16.52 -23.52
C ALA C 232 -26.61 15.75 -23.87
N TRP C 233 -25.49 16.47 -24.01
CA TRP C 233 -24.21 15.75 -24.09
C TRP C 233 -23.30 16.28 -23.00
N LEU C 234 -22.96 15.46 -22.03
CA LEU C 234 -22.09 15.99 -20.96
C LEU C 234 -20.79 15.20 -20.93
N ASP C 235 -19.71 15.86 -20.50
CA ASP C 235 -18.51 15.12 -20.08
C ASP C 235 -18.23 15.29 -18.59
N THR C 236 -17.62 14.27 -18.06
CA THR C 236 -17.57 14.06 -16.64
C THR C 236 -16.11 14.01 -16.35
N GLY C 237 -15.39 14.98 -16.91
CA GLY C 237 -13.94 14.99 -16.84
C GLY C 237 -13.33 15.79 -15.72
N THR C 238 -14.12 16.70 -15.11
CA THR C 238 -13.71 17.41 -13.88
C THR C 238 -14.64 17.07 -12.73
N HIS C 239 -14.18 17.37 -11.52
CA HIS C 239 -14.95 17.10 -10.33
C HIS C 239 -16.23 17.85 -10.39
N ASP C 240 -16.20 19.07 -10.93
CA ASP C 240 -17.38 19.92 -11.09
C ASP C 240 -18.37 19.37 -12.11
N SER C 241 -17.90 18.99 -13.30
CA SER C 241 -18.84 18.52 -14.29
C SER C 241 -19.31 17.09 -13.99
N LEU C 242 -18.48 16.33 -13.30
CA LEU C 242 -18.83 15.01 -12.80
C LEU C 242 -19.97 15.15 -11.80
N LEU C 243 -19.89 16.21 -11.00
CA LEU C 243 -20.92 16.48 -10.04
C LEU C 243 -22.23 16.96 -10.68
N GLU C 244 -22.12 17.85 -11.67
CA GLU C 244 -23.22 18.33 -12.47
C GLU C 244 -23.96 17.18 -13.17
N ALA C 245 -23.21 16.29 -13.81
CA ALA C 245 -23.78 15.14 -14.50
C ALA C 245 -24.60 14.23 -13.52
N GLY C 246 -24.09 14.02 -12.32
CA GLY C 246 -24.77 13.22 -11.29
C GLY C 246 -26.11 13.80 -10.88
N GLN C 247 -26.14 15.11 -10.65
CA GLN C 247 -27.36 15.83 -10.33
CA GLN C 247 -27.37 15.81 -10.32
C GLN C 247 -28.32 15.73 -11.52
N PHE C 248 -27.74 15.68 -12.71
CA PHE C 248 -28.53 15.59 -13.94
C PHE C 248 -29.23 14.22 -14.08
N ILE C 249 -28.50 13.13 -13.91
CA ILE C 249 -29.08 11.82 -14.01
C ILE C 249 -30.09 11.62 -12.85
N ALA C 250 -29.73 12.07 -11.66
CA ALA C 250 -30.57 11.89 -10.49
C ALA C 250 -31.90 12.59 -10.61
N THR C 251 -31.90 13.83 -11.13
CA THR C 251 -33.13 14.56 -11.50
C THR C 251 -34.03 13.77 -12.46
N LEU C 252 -33.47 13.26 -13.58
CA LEU C 252 -34.25 12.43 -14.52
C LEU C 252 -34.80 11.13 -13.88
N GLU C 253 -33.92 10.36 -13.24
CA GLU C 253 -34.31 9.08 -12.63
C GLU C 253 -35.36 9.16 -11.49
N ASN C 254 -35.21 10.06 -10.53
CA ASN C 254 -36.17 10.24 -9.45
C ASN C 254 -37.54 10.69 -9.95
N ARG C 255 -37.52 11.48 -11.04
CA ARG C 255 -38.73 11.96 -11.66
C ARG C 255 -39.50 10.83 -12.35
N GLN C 256 -38.79 10.04 -13.14
CA GLN C 256 -39.39 9.05 -13.99
C GLN C 256 -39.62 7.66 -13.38
N GLY C 257 -38.84 7.29 -12.38
CA GLY C 257 -38.84 5.91 -11.90
C GLY C 257 -38.19 5.05 -12.98
N LEU C 258 -37.44 5.67 -13.89
CA LEU C 258 -36.71 4.91 -14.91
C LEU C 258 -35.21 5.16 -14.78
N LYS C 259 -34.38 4.30 -15.36
CA LYS C 259 -32.95 4.52 -15.32
C LYS C 259 -32.33 4.95 -16.64
N VAL C 260 -31.35 5.83 -16.53
CA VAL C 260 -30.60 6.24 -17.72
C VAL C 260 -29.34 5.41 -17.75
N ALA C 261 -29.12 4.70 -18.84
CA ALA C 261 -27.88 3.96 -19.06
C ALA C 261 -27.71 2.78 -18.12
N CYS C 262 -28.75 1.97 -17.97
CA CYS C 262 -28.67 0.70 -17.24
C CYS C 262 -28.47 -0.34 -18.32
N PRO C 263 -27.24 -0.89 -18.41
CA PRO C 263 -26.87 -1.89 -19.42
C PRO C 263 -27.79 -3.13 -19.42
N GLU C 264 -28.10 -3.65 -18.24
CA GLU C 264 -28.98 -4.79 -18.16
C GLU C 264 -30.31 -4.54 -18.87
N GLU C 265 -30.89 -3.37 -18.65
CA GLU C 265 -32.15 -3.03 -19.29
C GLU C 265 -32.00 -2.94 -20.81
N ILE C 266 -30.95 -2.23 -21.26
CA ILE C 266 -30.77 -2.04 -22.68
C ILE C 266 -30.58 -3.38 -23.40
N ALA C 267 -29.80 -4.28 -22.83
CA ALA C 267 -29.63 -5.58 -23.45
C ALA C 267 -30.95 -6.34 -23.51
N TYR C 268 -31.72 -6.35 -22.42
CA TYR C 268 -33.10 -6.92 -22.43
C TYR C 268 -33.95 -6.28 -23.52
N ARG C 269 -33.80 -4.97 -23.69
CA ARG C 269 -34.64 -4.27 -24.65
C ARG C 269 -34.19 -4.49 -26.08
N GLN C 270 -32.93 -4.89 -26.27
CA GLN C 270 -32.36 -5.25 -27.58
C GLN C 270 -32.40 -6.76 -27.83
N LYS C 271 -33.01 -7.49 -26.89
CA LYS C 271 -33.26 -8.93 -27.00
C LYS C 271 -31.97 -9.77 -26.96
N TRP C 272 -30.96 -9.24 -26.30
CA TRP C 272 -29.64 -9.86 -26.19
C TRP C 272 -29.58 -10.71 -24.94
N ILE C 273 -30.55 -10.49 -24.05
CA ILE C 273 -30.84 -11.37 -22.94
C ILE C 273 -32.37 -11.45 -22.81
N ASP C 274 -32.86 -12.60 -22.39
CA ASP C 274 -34.29 -12.84 -22.22
C ASP C 274 -34.66 -12.76 -20.76
N ALA C 275 -35.96 -12.84 -20.45
CA ALA C 275 -36.46 -12.72 -19.07
C ALA C 275 -35.83 -13.70 -18.08
N ALA C 276 -35.46 -14.89 -18.53
CA ALA C 276 -34.75 -15.82 -17.66
C ALA C 276 -33.41 -15.23 -17.17
N GLN C 277 -32.65 -14.65 -18.09
CA GLN C 277 -31.31 -14.13 -17.77
C GLN C 277 -31.40 -12.81 -17.01
N LEU C 278 -32.30 -11.93 -17.46
CA LEU C 278 -32.60 -10.74 -16.68
C LEU C 278 -32.96 -11.11 -15.23
N GLU C 279 -33.66 -12.24 -15.01
CA GLU C 279 -34.04 -12.67 -13.64
C GLU C 279 -32.85 -13.02 -12.74
N LYS C 280 -31.97 -13.88 -13.27
CA LYS C 280 -30.71 -14.20 -12.61
C LYS C 280 -29.84 -12.97 -12.30
N LEU C 281 -29.85 -11.98 -13.19
CA LEU C 281 -29.07 -10.75 -12.97
C LEU C 281 -29.63 -9.88 -11.86
N ALA C 282 -30.94 -9.99 -11.58
CA ALA C 282 -31.54 -9.17 -10.53
C ALA C 282 -31.37 -9.75 -9.12
N ALA C 283 -31.33 -11.07 -8.97
CA ALA C 283 -31.32 -11.67 -7.63
C ALA C 283 -30.18 -11.23 -6.69
N PRO C 284 -28.90 -11.21 -7.16
CA PRO C 284 -27.80 -10.79 -6.28
C PRO C 284 -27.94 -9.32 -5.88
N LEU C 285 -28.89 -8.65 -6.53
CA LEU C 285 -29.11 -7.22 -6.40
C LEU C 285 -30.46 -6.92 -5.77
N ALA C 286 -31.23 -7.96 -5.47
CA ALA C 286 -32.66 -7.84 -5.10
C ALA C 286 -32.95 -6.92 -3.91
N LYS C 287 -31.98 -6.81 -3.00
CA LYS C 287 -32.17 -6.07 -1.76
C LYS C 287 -31.90 -4.55 -1.85
N ASN C 288 -31.32 -4.11 -2.96
CA ASN C 288 -31.17 -2.69 -3.24
C ASN C 288 -32.10 -2.24 -4.37
N GLY C 289 -32.24 -0.93 -4.53
CA GLY C 289 -33.18 -0.36 -5.52
C GLY C 289 -32.91 -0.75 -6.97
N TYR C 290 -31.66 -1.10 -7.26
CA TYR C 290 -31.28 -1.44 -8.62
C TYR C 290 -31.82 -2.82 -8.98
N GLY C 291 -31.64 -3.79 -8.10
CA GLY C 291 -32.22 -5.12 -8.26
C GLY C 291 -33.74 -5.09 -8.33
N GLN C 292 -34.35 -4.39 -7.36
CA GLN C 292 -35.78 -4.10 -7.41
C GLN C 292 -36.19 -3.57 -8.82
N TYR C 293 -35.37 -2.70 -9.42
CA TYR C 293 -35.67 -2.11 -10.73
C TYR C 293 -35.59 -3.13 -11.86
N LEU C 294 -34.56 -3.96 -11.87
CA LEU C 294 -34.51 -5.06 -12.85
C LEU C 294 -35.70 -6.03 -12.66
N LYS C 295 -36.04 -6.34 -11.42
CA LYS C 295 -37.15 -7.24 -11.14
C LYS C 295 -38.43 -6.57 -11.61
N ARG C 296 -38.55 -5.27 -11.37
CA ARG C 296 -39.70 -4.51 -11.86
C ARG C 296 -39.77 -4.44 -13.37
N LEU C 297 -38.64 -4.57 -14.07
CA LEU C 297 -38.66 -4.54 -15.54
C LEU C 297 -39.26 -5.77 -16.17
N LEU C 298 -39.35 -6.86 -15.41
CA LEU C 298 -39.91 -8.11 -15.92
C LEU C 298 -41.41 -8.00 -16.17
N THR C 299 -42.10 -7.19 -15.39
CA THR C 299 -43.55 -7.22 -15.36
C THR C 299 -44.23 -5.93 -15.83
N GLU C 300 -43.49 -4.82 -15.81
CA GLU C 300 -44.00 -3.53 -16.31
C GLU C 300 -43.76 -3.36 -17.79
N THR C 301 -44.75 -2.81 -18.48
CA THR C 301 -44.56 -2.39 -19.87
C THR C 301 -44.08 -0.93 -19.90
N VAL C 302 -42.92 -0.70 -20.50
CA VAL C 302 -42.38 0.64 -20.65
C VAL C 302 -42.35 1.00 -22.13
N TYR C 303 -43.08 2.06 -22.50
CA TYR C 303 -43.07 2.56 -23.88
C TYR C 303 -41.84 3.41 -24.23
N MET D 11 25.60 7.63 40.84
CA MET D 11 24.57 8.52 40.23
C MET D 11 23.94 7.92 38.96
N LYS D 12 22.77 8.46 38.59
CA LYS D 12 21.95 8.03 37.44
C LYS D 12 22.66 8.30 36.12
N ARG D 13 22.79 7.23 35.32
CA ARG D 13 23.24 7.34 33.92
C ARG D 13 22.26 6.76 32.88
N LYS D 14 21.90 7.59 31.90
CA LYS D 14 20.88 7.23 30.91
C LYS D 14 21.54 6.91 29.58
N GLY D 15 20.80 6.22 28.71
CA GLY D 15 21.35 5.86 27.41
C GLY D 15 20.46 6.15 26.21
N ILE D 16 21.10 6.68 25.17
CA ILE D 16 20.47 6.84 23.87
C ILE D 16 20.97 5.77 22.87
N ILE D 17 20.07 5.32 21.98
CA ILE D 17 20.48 4.54 20.82
C ILE D 17 20.05 5.33 19.62
N LEU D 18 21.01 5.87 18.89
CA LEU D 18 20.69 6.58 17.69
C LEU D 18 20.50 5.58 16.52
N ALA D 19 19.23 5.28 16.21
CA ALA D 19 18.85 4.33 15.15
C ALA D 19 18.17 5.01 13.96
N GLY D 20 18.86 6.00 13.39
CA GLY D 20 18.26 6.86 12.38
C GLY D 20 18.56 6.42 10.97
N GLY D 21 18.40 7.33 10.02
CA GLY D 21 18.50 6.98 8.61
C GLY D 21 19.90 6.83 8.04
N SER D 22 20.13 5.67 7.41
CA SER D 22 21.37 5.40 6.67
C SER D 22 21.32 6.04 5.28
N GLY D 23 20.33 6.90 5.07
CA GLY D 23 20.14 7.56 3.79
C GLY D 23 19.64 6.59 2.73
N THR D 24 20.15 6.77 1.51
CA THR D 24 19.85 5.92 0.35
C THR D 24 21.00 4.97 0.04
N ARG D 25 21.97 4.93 0.96
CA ARG D 25 23.27 4.26 0.78
C ARG D 25 23.16 2.76 0.46
N LEU D 26 22.22 2.10 1.13
CA LEU D 26 21.96 0.65 1.00
C LEU D 26 20.60 0.33 0.37
N HIS D 27 20.01 1.29 -0.34
CA HIS D 27 18.82 0.97 -1.13
C HIS D 27 19.18 0.04 -2.28
N PRO D 28 18.26 -0.85 -2.70
CA PRO D 28 16.89 -1.02 -2.21
C PRO D 28 16.73 -1.94 -0.98
N ALA D 29 17.83 -2.43 -0.43
CA ALA D 29 17.78 -3.35 0.68
C ALA D 29 17.07 -2.68 1.83
N THR D 30 17.34 -1.39 1.98
CA THR D 30 16.71 -0.60 3.04
C THR D 30 15.53 0.27 2.63
N LEU D 31 15.01 0.12 1.41
CA LEU D 31 13.84 0.91 0.97
C LEU D 31 12.57 0.68 1.80
N ALA D 32 12.34 -0.59 2.16
CA ALA D 32 11.16 -1.01 2.91
C ALA D 32 11.18 -0.65 4.40
N ILE D 33 12.37 -0.69 5.02
CA ILE D 33 12.44 -0.60 6.47
C ILE D 33 13.87 -0.33 6.87
N SER D 34 14.06 0.42 7.94
CA SER D 34 15.38 0.98 8.23
C SER D 34 16.35 -0.08 8.75
N LYS D 35 17.63 0.13 8.41
CA LYS D 35 18.72 -0.78 8.70
C LYS D 35 18.56 -1.49 10.03
N GLN D 36 18.36 -0.72 11.11
CA GLN D 36 18.43 -1.24 12.49
C GLN D 36 17.30 -2.20 12.89
N LEU D 37 16.35 -2.41 11.98
CA LEU D 37 15.37 -3.50 12.17
C LEU D 37 15.66 -4.73 11.30
N LEU D 38 16.66 -4.64 10.44
CA LEU D 38 17.15 -5.82 9.71
C LEU D 38 17.70 -6.81 10.71
N PRO D 39 17.60 -8.10 10.43
CA PRO D 39 18.26 -9.00 11.34
C PRO D 39 19.77 -9.04 11.13
N VAL D 40 20.55 -9.11 12.22
CA VAL D 40 21.89 -9.66 12.10
C VAL D 40 21.80 -11.09 12.63
N TYR D 41 21.91 -12.03 11.69
CA TYR D 41 21.69 -13.46 11.93
C TYR D 41 20.32 -13.84 12.53
N ASP D 42 20.16 -13.74 13.84
CA ASP D 42 18.97 -14.33 14.45
C ASP D 42 18.15 -13.33 15.24
N LYS D 43 18.54 -12.07 15.21
CA LYS D 43 17.83 -11.04 15.99
C LYS D 43 17.90 -9.66 15.29
N PRO D 44 17.03 -8.71 15.71
CA PRO D 44 17.12 -7.42 15.06
C PRO D 44 18.44 -6.78 15.35
N MET D 45 18.94 -5.99 14.41
CA MET D 45 20.20 -5.33 14.65
C MET D 45 20.21 -4.52 15.96
N ILE D 46 19.07 -3.93 16.30
CA ILE D 46 19.02 -3.04 17.47
C ILE D 46 19.34 -3.75 18.78
N TYR D 47 18.95 -5.03 18.88
CA TYR D 47 19.26 -5.85 20.04
C TYR D 47 20.73 -5.68 20.48
N TYR D 48 21.61 -5.43 19.50
CA TYR D 48 23.04 -5.37 19.77
C TYR D 48 23.48 -4.09 20.49
N PRO D 49 23.09 -2.90 20.00
CA PRO D 49 23.42 -1.74 20.85
C PRO D 49 22.57 -1.69 22.12
N LEU D 50 21.32 -2.13 22.03
CA LEU D 50 20.51 -2.30 23.23
C LEU D 50 21.28 -3.18 24.25
N SER D 51 21.88 -4.28 23.78
CA SER D 51 22.62 -5.13 24.70
C SER D 51 23.88 -4.46 25.21
N THR D 52 24.39 -3.51 24.43
CA THR D 52 25.61 -2.81 24.82
C THR D 52 25.33 -1.93 26.03
N LEU D 53 24.26 -1.16 25.94
CA LEU D 53 23.91 -0.26 27.01
C LEU D 53 23.59 -1.09 28.24
N MET D 54 22.81 -2.12 28.05
CA MET D 54 22.46 -2.98 29.16
C MET D 54 23.71 -3.51 29.85
N LEU D 55 24.77 -3.69 29.08
CA LEU D 55 26.01 -4.24 29.59
C LEU D 55 26.80 -3.23 30.39
N ALA D 56 26.65 -1.94 30.06
CA ALA D 56 27.23 -0.89 30.90
C ALA D 56 26.29 -0.56 32.08
N GLY D 57 25.31 -1.44 32.32
CA GLY D 57 24.39 -1.33 33.46
C GLY D 57 23.31 -0.25 33.31
N ILE D 58 23.01 0.15 32.08
CA ILE D 58 22.03 1.22 31.81
C ILE D 58 20.65 0.61 31.61
N ARG D 59 19.64 1.20 32.26
CA ARG D 59 18.28 0.66 32.25
C ARG D 59 17.23 1.60 31.62
N GLU D 60 17.47 2.90 31.74
CA GLU D 60 16.57 3.92 31.23
C GLU D 60 17.15 4.38 29.91
N ILE D 61 16.41 4.18 28.82
CA ILE D 61 16.98 4.28 27.46
C ILE D 61 16.05 4.96 26.48
N LEU D 62 16.62 5.86 25.68
CA LEU D 62 15.86 6.55 24.64
C LEU D 62 16.27 6.09 23.23
N ILE D 63 15.32 5.54 22.50
CA ILE D 63 15.51 5.06 21.13
C ILE D 63 15.06 6.19 20.20
N ILE D 64 15.99 6.71 19.38
CA ILE D 64 15.64 7.68 18.33
C ILE D 64 15.72 7.04 16.94
N SER D 65 14.77 7.40 16.06
CA SER D 65 14.68 6.87 14.67
C SER D 65 13.82 7.76 13.75
N THR D 66 13.69 7.34 12.49
CA THR D 66 12.80 8.02 11.56
C THR D 66 11.36 8.16 12.07
N PRO D 67 10.72 9.26 11.70
CA PRO D 67 9.27 9.41 11.93
C PRO D 67 8.46 8.14 11.56
N GLN D 68 8.83 7.50 10.44
CA GLN D 68 8.19 6.30 9.95
C GLN D 68 8.40 5.02 10.81
N ASP D 69 9.63 4.80 11.27
CA ASP D 69 9.95 3.51 11.92
C ASP D 69 9.77 3.47 13.42
N THR D 70 9.51 4.62 14.01
CA THR D 70 9.34 4.64 15.46
C THR D 70 8.25 3.72 16.02
N PRO D 71 7.05 3.69 15.40
CA PRO D 71 6.08 2.72 15.93
C PRO D 71 6.55 1.27 15.82
N ARG D 72 7.46 0.99 14.89
CA ARG D 72 7.90 -0.37 14.70
C ARG D 72 8.95 -0.77 15.73
N PHE D 73 9.88 0.14 16.02
CA PHE D 73 10.78 -0.04 17.16
C PHE D 73 9.91 -0.20 18.43
N GLN D 74 8.82 0.56 18.52
CA GLN D 74 7.91 0.49 19.64
C GLN D 74 7.27 -0.87 19.80
N GLN D 75 6.64 -1.37 18.73
CA GLN D 75 6.01 -2.69 18.76
C GLN D 75 7.04 -3.78 19.09
N LEU D 76 8.26 -3.61 18.59
CA LEU D 76 9.33 -4.54 18.84
C LEU D 76 9.71 -4.61 20.32
N LEU D 77 9.83 -3.46 20.96
CA LEU D 77 10.44 -3.38 22.29
C LEU D 77 9.47 -3.13 23.46
N GLY D 78 8.35 -2.49 23.18
CA GLY D 78 7.43 -2.04 24.23
C GLY D 78 8.03 -0.95 25.11
N ASP D 79 7.53 -0.83 26.34
CA ASP D 79 8.08 0.14 27.30
C ASP D 79 9.31 -0.37 28.06
N GLY D 80 9.77 -1.56 27.68
CA GLY D 80 10.96 -2.16 28.29
C GLY D 80 10.67 -2.95 29.55
N SER D 81 9.64 -2.50 30.29
CA SER D 81 9.23 -3.11 31.57
C SER D 81 9.30 -4.65 31.58
N ASN D 82 9.16 -5.29 30.43
CA ASN D 82 9.27 -6.75 30.36
C ASN D 82 10.68 -7.29 30.57
N TRP D 83 11.69 -6.49 30.21
CA TRP D 83 13.08 -6.85 30.45
C TRP D 83 13.70 -6.05 31.58
N GLY D 84 12.89 -5.50 32.48
CA GLY D 84 13.39 -4.69 33.60
C GLY D 84 14.09 -3.40 33.14
N LEU D 85 13.74 -2.96 31.95
CA LEU D 85 14.26 -1.72 31.40
C LEU D 85 13.13 -0.69 31.38
N ASP D 86 13.50 0.56 31.13
CA ASP D 86 12.52 1.65 30.97
C ASP D 86 12.80 2.36 29.64
N LEU D 87 11.92 2.10 28.68
CA LEU D 87 12.09 2.57 27.31
C LEU D 87 11.20 3.76 26.95
N GLN D 88 11.81 4.85 26.46
CA GLN D 88 11.09 6.00 25.90
C GLN D 88 11.54 6.27 24.47
N TYR D 89 10.60 6.68 23.61
CA TYR D 89 10.94 6.87 22.19
C TYR D 89 10.92 8.34 21.73
N ALA D 90 11.74 8.66 20.73
CA ALA D 90 11.84 10.01 20.12
C ALA D 90 12.28 9.96 18.66
N VAL D 91 11.84 10.92 17.86
CA VAL D 91 12.08 10.86 16.42
C VAL D 91 13.14 11.86 15.99
N GLN D 92 13.71 11.64 14.83
CA GLN D 92 14.58 12.62 14.18
C GLN D 92 14.05 12.88 12.79
N PRO D 93 13.41 14.06 12.59
CA PRO D 93 12.90 14.56 11.30
C PRO D 93 13.83 14.31 10.10
N SER D 94 15.08 14.76 10.20
CA SER D 94 16.07 14.66 9.12
C SER D 94 17.44 14.16 9.60
N PRO D 95 18.18 13.43 8.75
CA PRO D 95 19.50 12.97 9.20
C PRO D 95 20.51 14.12 9.20
N ASP D 96 20.42 14.98 10.21
CA ASP D 96 21.25 16.19 10.30
C ASP D 96 22.35 16.07 11.34
N GLY D 97 22.82 14.84 11.52
CA GLY D 97 24.04 14.62 12.28
C GLY D 97 23.75 13.85 13.54
N LEU D 98 24.75 13.12 14.01
CA LEU D 98 24.56 12.29 15.17
C LEU D 98 24.41 13.10 16.46
N ALA D 99 25.06 14.27 16.53
CA ALA D 99 24.99 15.09 17.75
C ALA D 99 23.56 15.58 18.03
N GLN D 100 22.71 15.49 17.01
CA GLN D 100 21.35 15.94 17.10
C GLN D 100 20.59 15.09 18.11
N ALA D 101 21.20 13.97 18.50
CA ALA D 101 20.59 13.08 19.48
C ALA D 101 20.52 13.78 20.80
N PHE D 102 21.47 14.67 21.04
CA PHE D 102 21.57 15.38 22.32
C PHE D 102 20.62 16.57 22.37
N LEU D 103 20.16 17.04 21.23
CA LEU D 103 19.12 18.06 21.21
C LEU D 103 17.73 17.41 21.47
N ILE D 104 17.46 16.34 20.74
CA ILE D 104 16.19 15.60 20.77
C ILE D 104 15.96 15.02 22.15
N GLY D 105 17.02 14.52 22.78
CA GLY D 105 16.91 13.87 24.08
C GLY D 105 17.20 14.73 25.30
N GLU D 106 17.16 16.05 25.14
CA GLU D 106 17.49 16.97 26.23
C GLU D 106 16.67 16.73 27.48
N SER D 107 15.35 16.78 27.35
CA SER D 107 14.48 16.59 28.50
C SER D 107 14.52 15.16 29.00
N PHE D 108 14.78 14.18 28.13
CA PHE D 108 15.03 12.80 28.57
C PHE D 108 16.30 12.75 29.43
N ILE D 109 17.38 13.34 28.89
CA ILE D 109 18.70 13.39 29.51
C ILE D 109 18.60 14.08 30.85
N GLY D 110 17.81 15.17 30.86
CA GLY D 110 17.60 15.98 32.05
C GLY D 110 18.90 16.40 32.68
N ASN D 111 19.04 16.03 33.94
CA ASN D 111 20.12 16.43 34.81
C ASN D 111 21.18 15.32 34.94
N ASP D 112 20.99 14.22 34.23
CA ASP D 112 21.75 13.03 34.51
C ASP D 112 22.98 12.84 33.64
N LEU D 113 23.74 11.79 33.93
CA LEU D 113 24.83 11.31 33.09
C LEU D 113 24.24 10.53 31.89
N SER D 114 24.88 10.60 30.73
CA SER D 114 24.30 9.97 29.53
C SER D 114 25.29 9.09 28.76
N ALA D 115 24.83 8.49 27.68
CA ALA D 115 25.70 7.63 26.89
C ALA D 115 24.98 7.29 25.61
N LEU D 116 25.66 7.54 24.49
CA LEU D 116 25.10 7.36 23.16
C LEU D 116 25.79 6.26 22.37
N VAL D 117 24.98 5.28 21.94
CA VAL D 117 25.47 4.22 21.04
C VAL D 117 24.74 4.24 19.70
N LEU D 118 25.48 3.94 18.63
CA LEU D 118 24.88 3.86 17.29
C LEU D 118 24.09 2.55 17.13
N GLY D 119 22.92 2.65 16.51
CA GLY D 119 22.02 1.52 16.31
C GLY D 119 22.51 0.43 15.37
N ASP D 120 23.65 0.67 14.71
CA ASP D 120 24.13 -0.25 13.69
C ASP D 120 25.54 -0.78 13.98
N ASN D 121 25.98 -0.63 15.23
CA ASN D 121 27.31 -1.03 15.66
C ASN D 121 27.31 -2.27 16.54
N LEU D 122 28.13 -3.27 16.20
CA LEU D 122 28.27 -4.48 17.02
C LEU D 122 29.58 -4.53 17.78
N TYR D 123 29.51 -4.92 19.05
CA TYR D 123 30.71 -5.18 19.83
C TYR D 123 30.76 -6.62 20.34
N TYR D 124 31.95 -7.20 20.39
CA TYR D 124 32.10 -8.50 21.00
C TYR D 124 33.45 -8.68 21.67
N GLY D 125 33.44 -9.31 22.84
CA GLY D 125 34.69 -9.64 23.51
C GLY D 125 34.66 -9.96 25.00
N HIS D 126 35.81 -10.40 25.48
CA HIS D 126 35.99 -10.76 26.87
C HIS D 126 36.15 -9.57 27.77
N ASP D 127 35.44 -9.59 28.90
CA ASP D 127 35.55 -8.48 29.84
C ASP D 127 34.97 -7.22 29.25
N PHE D 128 33.99 -7.37 28.37
CA PHE D 128 33.42 -6.20 27.73
C PHE D 128 32.62 -5.42 28.77
N HIS D 129 31.90 -6.17 29.61
CA HIS D 129 31.20 -5.64 30.79
C HIS D 129 32.08 -4.69 31.57
N GLU D 130 33.34 -5.08 31.76
CA GLU D 130 34.29 -4.36 32.59
C GLU D 130 34.84 -3.13 31.89
N LEU D 131 35.20 -3.28 30.61
CA LEU D 131 35.64 -2.14 29.80
C LEU D 131 34.60 -1.00 29.72
N LEU D 132 33.31 -1.36 29.82
CA LEU D 132 32.20 -0.40 29.89
C LEU D 132 32.00 0.07 31.34
N GLY D 133 32.02 -0.88 32.27
CA GLY D 133 32.03 -0.61 33.70
C GLY D 133 33.04 0.44 34.13
N SER D 134 34.24 0.43 33.56
CA SER D 134 35.22 1.46 33.89
C SER D 134 34.96 2.79 33.16
N ALA D 135 34.19 2.72 32.07
CA ALA D 135 33.79 3.95 31.37
C ALA D 135 32.64 4.69 32.06
N SER D 136 31.60 3.93 32.44
CA SER D 136 30.37 4.40 33.09
C SER D 136 30.64 5.01 34.47
N GLN D 137 31.77 4.60 35.04
CA GLN D 137 32.19 4.94 36.41
C GLN D 137 32.72 6.37 36.55
N ARG D 138 33.53 6.82 35.58
CA ARG D 138 34.00 8.22 35.54
C ARG D 138 32.82 9.17 35.44
N GLN D 139 32.58 9.89 36.53
CA GLN D 139 31.43 10.77 36.62
C GLN D 139 31.63 12.13 35.98
N THR D 140 32.82 12.36 35.43
CA THR D 140 33.15 13.65 34.84
C THR D 140 33.75 13.43 33.47
N GLY D 141 33.56 14.42 32.60
CA GLY D 141 34.01 14.33 31.21
C GLY D 141 33.34 13.27 30.37
N ALA D 142 34.01 12.91 29.29
CA ALA D 142 33.49 11.96 28.31
C ALA D 142 34.49 10.84 28.02
N SER D 143 33.96 9.66 27.74
CA SER D 143 34.81 8.51 27.46
C SER D 143 34.39 7.88 26.15
N VAL D 144 35.37 7.76 25.25
CA VAL D 144 35.23 7.13 23.94
C VAL D 144 36.30 6.04 23.71
N PHE D 145 36.17 5.27 22.63
CA PHE D 145 37.07 4.18 22.38
C PHE D 145 37.73 4.28 21.03
N ALA D 146 39.02 3.95 21.01
CA ALA D 146 39.71 3.84 19.75
C ALA D 146 40.10 2.38 19.43
N TYR D 147 39.91 2.03 18.15
CA TYR D 147 40.09 0.68 17.64
C TYR D 147 40.82 0.77 16.30
N HIS D 148 41.88 -0.02 16.17
CA HIS D 148 42.64 -0.11 14.91
C HIS D 148 41.79 -0.77 13.83
N VAL D 149 41.84 -0.18 12.63
CA VAL D 149 41.02 -0.56 11.47
C VAL D 149 41.84 -0.35 10.21
N LEU D 150 41.38 -0.93 9.10
CA LEU D 150 42.13 -0.84 7.86
C LEU D 150 41.79 0.47 7.13
N ASP D 151 40.55 0.92 7.30
CA ASP D 151 40.02 2.04 6.52
C ASP D 151 39.65 3.22 7.44
N PRO D 152 40.67 3.91 8.02
CA PRO D 152 40.32 4.92 9.05
C PRO D 152 39.50 6.14 8.52
N GLU D 153 39.75 6.49 7.26
CA GLU D 153 38.98 7.51 6.50
C GLU D 153 37.45 7.50 6.71
N ARG D 154 36.86 6.31 6.95
CA ARG D 154 35.39 6.20 7.08
C ARG D 154 34.83 6.72 8.42
N TYR D 155 35.73 7.08 9.35
CA TYR D 155 35.31 7.38 10.72
C TYR D 155 35.97 8.64 11.27
N GLY D 156 35.63 8.99 12.50
CA GLY D 156 36.45 9.94 13.25
C GLY D 156 37.77 9.27 13.61
N VAL D 157 38.86 9.77 13.05
CA VAL D 157 40.20 9.29 13.36
C VAL D 157 40.77 10.02 14.57
N VAL D 158 41.38 9.29 15.51
CA VAL D 158 42.07 9.92 16.65
C VAL D 158 43.61 9.84 16.47
N GLU D 159 44.31 10.91 16.85
CA GLU D 159 45.77 10.94 16.74
C GLU D 159 46.43 10.97 18.11
N PHE D 160 47.38 10.07 18.32
CA PHE D 160 48.13 9.94 19.57
C PHE D 160 49.55 10.45 19.39
N ASP D 161 50.09 11.04 20.46
CA ASP D 161 51.48 11.54 20.48
C ASP D 161 52.49 10.43 20.79
N GLN D 162 53.76 10.72 20.55
CA GLN D 162 54.85 9.79 20.79
C GLN D 162 54.71 8.95 22.05
N GLY D 163 53.85 9.37 22.98
CA GLY D 163 53.69 8.70 24.27
C GLY D 163 52.31 8.27 24.73
N GLY D 164 51.37 8.14 23.80
CA GLY D 164 50.09 7.49 24.09
C GLY D 164 48.92 8.41 24.35
N LYS D 165 49.11 9.71 24.14
CA LYS D 165 48.09 10.69 24.48
C LYS D 165 47.41 11.24 23.23
N ALA D 166 46.09 11.39 23.31
CA ALA D 166 45.27 11.86 22.19
C ALA D 166 45.45 13.36 21.92
N ILE D 167 45.77 13.70 20.68
CA ILE D 167 46.06 15.10 20.36
C ILE D 167 45.15 15.75 19.28
N SER D 168 44.70 14.95 18.31
CA SER D 168 43.77 15.47 17.30
C SER D 168 42.62 14.47 17.05
N LEU D 169 41.50 14.97 16.55
CA LEU D 169 40.34 14.15 16.19
C LEU D 169 39.77 14.70 14.90
N GLU D 170 39.97 14.02 13.78
CA GLU D 170 39.44 14.49 12.51
C GLU D 170 38.29 13.60 12.02
N GLU D 171 37.25 14.22 11.46
CA GLU D 171 36.08 13.49 11.04
C GLU D 171 36.18 13.21 9.54
N LYS D 172 36.18 11.93 9.21
CA LYS D 172 36.36 11.45 7.82
C LYS D 172 37.52 12.14 7.07
N PRO D 173 38.72 12.26 7.69
CA PRO D 173 39.82 12.96 6.98
C PRO D 173 40.28 12.23 5.71
N LEU D 174 40.61 13.01 4.67
CA LEU D 174 41.11 12.46 3.40
C LEU D 174 42.47 11.79 3.58
N GLU D 175 43.19 12.22 4.62
CA GLU D 175 44.53 11.71 4.91
C GLU D 175 44.61 11.35 6.38
N PRO D 176 44.30 10.08 6.72
CA PRO D 176 44.38 9.63 8.10
C PRO D 176 45.81 9.79 8.60
N LYS D 177 45.91 10.16 9.89
CA LYS D 177 47.16 10.29 10.63
C LYS D 177 47.55 8.94 11.24
N SER D 178 46.61 8.37 12.02
CA SER D 178 46.75 7.04 12.57
C SER D 178 45.72 6.15 11.87
N ASN D 179 45.61 4.91 12.32
CA ASN D 179 44.62 3.97 11.83
C ASN D 179 43.54 3.75 12.91
N TYR D 180 43.44 4.71 13.80
CA TYR D 180 42.61 4.51 14.97
C TYR D 180 41.29 5.26 14.85
N ALA D 181 40.20 4.50 14.83
CA ALA D 181 38.89 5.04 14.51
C ALA D 181 38.14 5.14 15.81
N VAL D 182 37.18 6.05 15.89
CA VAL D 182 36.38 6.18 17.09
C VAL D 182 35.14 5.28 16.95
N THR D 183 34.96 4.35 17.88
CA THR D 183 33.82 3.44 17.78
C THR D 183 32.55 4.22 18.09
N GLY D 184 31.40 3.59 17.89
CA GLY D 184 30.11 4.28 18.10
C GLY D 184 29.57 4.04 19.47
N LEU D 185 30.40 4.21 20.48
CA LEU D 185 29.97 4.16 21.86
C LEU D 185 30.55 5.36 22.55
N TYR D 186 29.73 6.10 23.28
CA TYR D 186 30.21 7.33 23.92
C TYR D 186 29.50 7.59 25.22
N PHE D 187 30.28 8.06 26.17
CA PHE D 187 29.83 8.32 27.52
C PHE D 187 30.06 9.81 27.75
N TYR D 188 29.06 10.50 28.26
CA TYR D 188 29.22 11.91 28.51
C TYR D 188 28.68 12.29 29.85
N ASP D 189 29.20 13.36 30.43
CA ASP D 189 28.65 13.89 31.67
C ASP D 189 27.44 14.85 31.38
N GLN D 190 27.01 15.57 32.41
CA GLN D 190 26.03 16.67 32.29
C GLN D 190 26.42 17.83 31.33
N GLN D 191 27.66 17.85 30.85
CA GLN D 191 28.16 18.93 30.01
C GLN D 191 27.75 18.79 28.55
N VAL D 192 27.30 17.59 28.15
CA VAL D 192 27.13 17.27 26.71
C VAL D 192 26.06 18.10 25.99
N VAL D 193 24.87 18.16 26.58
CA VAL D 193 23.70 18.81 25.99
C VAL D 193 24.02 20.25 25.57
N ASP D 194 24.55 21.03 26.51
CA ASP D 194 24.96 22.42 26.27
C ASP D 194 26.00 22.53 25.16
N ILE D 195 26.98 21.64 25.17
CA ILE D 195 28.03 21.65 24.15
C ILE D 195 27.38 21.45 22.80
N ALA D 196 26.31 20.64 22.78
CA ALA D 196 25.61 20.34 21.54
C ALA D 196 24.73 21.51 21.06
N ARG D 197 24.19 22.31 21.97
CA ARG D 197 23.39 23.49 21.58
C ARG D 197 24.24 24.54 20.85
N ASP D 198 25.47 24.72 21.31
CA ASP D 198 26.37 25.71 20.72
C ASP D 198 27.00 25.26 19.42
N LEU D 199 26.67 24.06 18.95
CA LEU D 199 27.26 23.56 17.70
C LEU D 199 26.62 24.07 16.41
N LYS D 200 27.51 24.40 15.46
CA LYS D 200 27.11 24.88 14.14
C LYS D 200 27.19 23.70 13.18
N PRO D 201 26.35 23.70 12.11
CA PRO D 201 26.49 22.69 11.05
C PRO D 201 27.90 22.64 10.43
N SER D 202 28.34 21.44 10.05
CA SER D 202 29.60 21.21 9.34
C SER D 202 29.53 21.67 7.86
N PRO D 203 30.65 21.54 7.10
CA PRO D 203 30.63 21.75 5.63
C PRO D 203 29.44 21.12 4.90
N GLY D 205 26.36 18.63 5.68
CA GLY D 205 25.63 19.61 6.48
C GLY D 205 25.01 19.01 7.73
N GLU D 206 25.87 18.63 8.68
CA GLU D 206 25.47 17.84 9.84
C GLU D 206 26.05 18.34 11.15
N LEU D 207 25.34 18.04 12.24
CA LEU D 207 25.82 18.26 13.59
C LEU D 207 26.68 17.05 14.01
N GLU D 208 27.99 17.29 13.93
CA GLU D 208 29.02 16.28 14.04
C GLU D 208 29.23 15.79 15.46
N ILE D 209 29.24 14.47 15.64
CA ILE D 209 29.59 13.87 16.92
C ILE D 209 31.04 14.20 17.27
N THR D 210 31.91 14.35 16.25
CA THR D 210 33.33 14.59 16.51
C THR D 210 33.61 15.97 17.17
N ASP D 211 32.88 17.00 16.74
CA ASP D 211 32.92 18.28 17.42
C ASP D 211 32.54 18.14 18.89
N VAL D 212 31.49 17.38 19.20
CA VAL D 212 31.12 17.12 20.61
C VAL D 212 32.33 16.57 21.38
N ASN D 213 33.04 15.65 20.75
CA ASN D 213 34.26 15.04 21.32
C ASN D 213 35.48 15.96 21.35
N ARG D 214 35.79 16.64 20.25
CA ARG D 214 36.91 17.59 20.28
C ARG D 214 36.66 18.73 21.28
N ALA D 215 35.41 19.10 21.50
CA ALA D 215 35.11 20.09 22.55
C ALA D 215 35.56 19.51 23.89
N TYR D 216 35.41 18.21 24.09
CA TYR D 216 35.95 17.61 25.30
C TYR D 216 37.50 17.49 25.24
N LEU D 217 38.04 17.28 24.04
CA LEU D 217 39.52 17.21 23.89
C LEU D 217 40.22 18.54 24.21
N GLU D 218 39.70 19.67 23.70
CA GLU D 218 40.25 21.02 23.99
C GLU D 218 40.21 21.40 25.49
N ARG D 219 39.08 21.11 26.15
CA ARG D 219 38.95 21.25 27.61
C ARG D 219 39.73 20.15 28.34
N GLY D 220 40.50 19.37 27.57
CA GLY D 220 41.24 18.22 28.07
C GLY D 220 40.43 17.21 28.87
N GLN D 221 39.17 16.99 28.50
CA GLN D 221 38.27 16.02 29.22
C GLN D 221 37.71 14.85 28.37
N LEU D 222 38.38 14.57 27.26
CA LEU D 222 38.14 13.36 26.47
C LEU D 222 39.12 12.28 26.92
N SER D 223 38.57 11.26 27.56
CA SER D 223 39.29 10.07 27.95
C SER D 223 39.24 9.11 26.76
N VAL D 224 40.39 8.81 26.18
CA VAL D 224 40.46 7.99 24.95
C VAL D 224 41.12 6.62 25.16
N GLU D 225 40.34 5.63 25.57
CA GLU D 225 40.86 4.32 25.91
C GLU D 225 40.90 3.38 24.69
N ILE D 226 42.04 2.71 24.50
CA ILE D 226 42.19 1.76 23.40
C ILE D 226 41.37 0.48 23.61
N MET D 227 40.48 0.20 22.66
CA MET D 227 39.77 -1.06 22.56
C MET D 227 40.66 -1.96 21.73
N GLY D 228 41.28 -2.95 22.38
CA GLY D 228 42.34 -3.73 21.73
C GLY D 228 41.92 -4.60 20.54
N ARG D 229 42.89 -5.06 19.78
CA ARG D 229 42.66 -6.02 18.70
C ARG D 229 41.96 -7.36 19.12
N GLY D 230 41.84 -7.58 20.42
CA GLY D 230 41.18 -8.81 20.93
C GLY D 230 39.68 -8.67 21.00
N TYR D 231 39.23 -7.52 20.53
CA TYR D 231 37.83 -7.17 20.52
C TYR D 231 37.43 -7.07 19.07
N ALA D 232 36.21 -7.44 18.78
CA ALA D 232 35.66 -7.17 17.46
C ALA D 232 34.66 -6.04 17.57
N TRP D 233 34.95 -5.00 16.81
CA TRP D 233 34.00 -3.94 16.54
C TRP D 233 33.59 -4.14 15.12
N LEU D 234 32.31 -4.48 14.92
CA LEU D 234 31.78 -4.53 13.57
C LEU D 234 30.78 -3.38 13.37
N ASP D 235 30.94 -2.66 12.26
CA ASP D 235 29.79 -1.88 11.80
C ASP D 235 29.18 -2.55 10.56
N THR D 236 27.99 -2.07 10.23
CA THR D 236 27.19 -2.72 9.26
C THR D 236 26.95 -1.72 8.14
N GLY D 237 28.06 -1.25 7.55
CA GLY D 237 28.00 -0.14 6.58
C GLY D 237 27.81 -0.48 5.11
N THR D 238 28.23 -1.68 4.70
CA THR D 238 28.10 -2.13 3.30
C THR D 238 27.32 -3.42 3.29
N HIS D 239 26.79 -3.82 2.14
CA HIS D 239 26.04 -5.08 2.09
C HIS D 239 27.00 -6.20 2.43
N ASP D 240 28.23 -6.08 1.94
CA ASP D 240 29.34 -7.01 2.22
C ASP D 240 29.65 -7.12 3.70
N SER D 241 29.69 -6.00 4.41
CA SER D 241 30.04 -6.08 5.84
C SER D 241 28.87 -6.58 6.74
N LEU D 242 27.65 -6.24 6.34
CA LEU D 242 26.44 -6.63 7.04
C LEU D 242 26.34 -8.16 6.99
N LEU D 243 26.84 -8.70 5.90
CA LEU D 243 26.89 -10.12 5.66
C LEU D 243 27.93 -10.78 6.57
N GLU D 244 29.14 -10.22 6.52
CA GLU D 244 30.24 -10.63 7.40
C GLU D 244 29.81 -10.66 8.87
N ALA D 245 28.93 -9.77 9.29
CA ALA D 245 28.65 -9.70 10.73
C ALA D 245 27.69 -10.81 11.12
N GLY D 246 26.79 -11.13 10.19
CA GLY D 246 25.88 -12.27 10.31
C GLY D 246 26.67 -13.57 10.35
N GLN D 247 27.70 -13.74 9.52
CA GLN D 247 28.53 -14.93 9.59
CA GLN D 247 28.52 -14.96 9.61
C GLN D 247 29.33 -14.98 10.89
N PHE D 248 29.69 -13.80 11.38
CA PHE D 248 30.51 -13.70 12.59
C PHE D 248 29.71 -14.14 13.79
N ILE D 249 28.48 -13.62 13.92
CA ILE D 249 27.63 -14.03 15.01
C ILE D 249 27.30 -15.52 14.91
N ALA D 250 27.00 -15.99 13.70
CA ALA D 250 26.55 -17.36 13.46
C ALA D 250 27.61 -18.38 13.90
N THR D 251 28.85 -18.12 13.53
CA THR D 251 29.98 -18.93 13.98
C THR D 251 30.14 -19.00 15.51
N LEU D 252 30.06 -17.85 16.18
CA LEU D 252 30.18 -17.80 17.64
C LEU D 252 29.03 -18.54 18.29
N GLU D 253 27.81 -18.28 17.87
CA GLU D 253 26.67 -18.88 18.55
C GLU D 253 26.55 -20.40 18.36
N ASN D 254 26.78 -20.90 17.15
CA ASN D 254 26.79 -22.33 16.89
C ASN D 254 27.98 -23.10 17.54
N ARG D 255 29.14 -22.48 17.64
CA ARG D 255 30.27 -23.08 18.36
C ARG D 255 29.98 -23.31 19.83
N GLN D 256 29.32 -22.35 20.46
CA GLN D 256 29.22 -22.23 21.91
C GLN D 256 27.95 -22.75 22.53
N GLY D 257 26.91 -22.92 21.71
CA GLY D 257 25.54 -23.06 22.23
C GLY D 257 25.09 -21.88 23.09
N LEU D 258 25.73 -20.72 22.93
CA LEU D 258 25.31 -19.51 23.67
C LEU D 258 25.03 -18.32 22.71
N LYS D 259 24.09 -17.45 23.08
CA LYS D 259 23.76 -16.30 22.26
C LYS D 259 24.65 -15.11 22.56
N VAL D 260 24.68 -14.16 21.61
CA VAL D 260 25.32 -12.86 21.74
C VAL D 260 24.25 -11.78 21.61
N ALA D 261 24.22 -10.86 22.56
CA ALA D 261 23.22 -9.80 22.65
C ALA D 261 21.79 -10.31 22.65
N CYS D 262 21.52 -11.31 23.47
CA CYS D 262 20.17 -11.72 23.76
C CYS D 262 19.79 -10.90 24.99
N PRO D 263 18.86 -9.94 24.85
CA PRO D 263 18.63 -9.01 25.99
C PRO D 263 18.03 -9.70 27.19
N GLU D 264 17.12 -10.65 26.93
CA GLU D 264 16.47 -11.40 27.99
C GLU D 264 17.54 -12.03 28.89
N GLU D 265 18.54 -12.66 28.28
CA GLU D 265 19.68 -13.17 29.03
C GLU D 265 20.47 -12.04 29.74
N ILE D 266 20.74 -10.92 29.06
CA ILE D 266 21.48 -9.84 29.72
C ILE D 266 20.71 -9.29 30.94
N ALA D 267 19.39 -9.14 30.85
CA ALA D 267 18.55 -8.69 31.98
C ALA D 267 18.67 -9.64 33.17
N TYR D 268 18.33 -10.90 32.92
CA TYR D 268 18.29 -11.93 33.96
C TYR D 268 19.63 -12.09 34.67
N ARG D 269 20.74 -11.89 33.95
CA ARG D 269 22.08 -12.00 34.52
C ARG D 269 22.46 -10.80 35.38
N GLN D 270 22.05 -9.61 34.96
CA GLN D 270 22.14 -8.40 35.77
C GLN D 270 21.08 -8.36 36.88
N LYS D 271 20.29 -9.43 36.96
CA LYS D 271 19.24 -9.64 37.98
C LYS D 271 18.13 -8.57 37.89
N TRP D 272 17.90 -8.05 36.68
CA TRP D 272 16.84 -7.06 36.41
C TRP D 272 15.51 -7.71 36.18
N ILE D 273 15.53 -9.04 36.09
CA ILE D 273 14.31 -9.87 36.09
C ILE D 273 14.60 -11.23 36.77
N ASP D 274 13.65 -11.67 37.59
CA ASP D 274 13.74 -12.95 38.31
C ASP D 274 13.38 -14.16 37.45
N ALA D 275 14.10 -15.26 37.66
CA ALA D 275 13.82 -16.58 37.04
C ALA D 275 12.36 -16.83 36.58
N ALA D 276 11.40 -16.34 37.37
CA ALA D 276 10.00 -16.50 36.99
C ALA D 276 9.59 -15.63 35.79
N GLN D 277 10.00 -14.36 35.76
CA GLN D 277 9.71 -13.44 34.64
C GLN D 277 10.36 -13.89 33.34
N LEU D 278 11.61 -14.31 33.42
CA LEU D 278 12.31 -14.88 32.28
C LEU D 278 11.50 -16.03 31.68
N GLU D 279 10.95 -16.87 32.56
CA GLU D 279 10.20 -18.04 32.11
C GLU D 279 8.95 -17.60 31.34
N LYS D 280 8.31 -16.55 31.82
CA LYS D 280 7.15 -15.96 31.16
C LYS D 280 7.53 -15.46 29.77
N LEU D 281 8.75 -14.95 29.64
CA LEU D 281 9.30 -14.58 28.33
C LEU D 281 9.63 -15.78 27.43
N ALA D 282 9.95 -16.92 28.03
CA ALA D 282 10.21 -18.16 27.28
C ALA D 282 8.96 -18.76 26.62
N ALA D 283 7.78 -18.46 27.17
CA ALA D 283 6.51 -19.08 26.73
C ALA D 283 6.16 -18.86 25.25
N PRO D 284 6.07 -17.58 24.80
CA PRO D 284 5.58 -17.26 23.46
C PRO D 284 6.50 -17.77 22.34
N LEU D 285 7.73 -18.09 22.69
CA LEU D 285 8.75 -18.53 21.74
C LEU D 285 9.25 -19.94 22.04
N ALA D 286 8.41 -20.77 22.66
CA ALA D 286 8.81 -22.12 23.11
C ALA D 286 9.13 -23.09 21.97
N LYS D 287 8.48 -22.89 20.83
CA LYS D 287 8.64 -23.78 19.69
C LYS D 287 9.96 -23.57 18.93
N ASN D 288 10.41 -22.33 18.78
CA ASN D 288 11.71 -22.10 18.13
C ASN D 288 12.89 -22.19 19.09
N GLY D 289 14.08 -22.24 18.52
CA GLY D 289 15.32 -22.31 19.27
C GLY D 289 15.59 -21.13 20.20
N TYR D 290 15.00 -19.97 19.90
CA TYR D 290 15.28 -18.75 20.66
C TYR D 290 14.69 -18.87 22.04
N GLY D 291 13.43 -19.32 22.12
CA GLY D 291 12.78 -19.59 23.40
C GLY D 291 13.48 -20.70 24.15
N GLN D 292 13.63 -21.84 23.47
CA GLN D 292 14.27 -23.00 24.06
C GLN D 292 15.57 -22.58 24.76
N TYR D 293 16.21 -21.53 24.21
CA TYR D 293 17.44 -20.99 24.72
C TYR D 293 17.19 -20.29 26.04
N LEU D 294 16.20 -19.40 26.07
CA LEU D 294 15.79 -18.77 27.34
C LEU D 294 15.39 -19.81 28.42
N LYS D 295 14.69 -20.86 28.00
CA LYS D 295 14.25 -21.93 28.89
C LYS D 295 15.46 -22.64 29.50
N ARG D 296 16.43 -23.01 28.66
CA ARG D 296 17.68 -23.60 29.12
C ARG D 296 18.40 -22.70 30.14
N LEU D 297 18.12 -21.40 30.14
CA LEU D 297 18.84 -20.47 31.03
C LEU D 297 18.38 -20.56 32.50
N LEU D 298 17.19 -21.09 32.70
CA LEU D 298 16.65 -21.34 34.04
C LEU D 298 17.42 -22.42 34.82
N THR D 299 17.87 -23.47 34.13
CA THR D 299 18.47 -24.62 34.79
C THR D 299 19.99 -24.70 34.65
N GLU D 300 20.54 -24.04 33.62
CA GLU D 300 21.96 -24.18 33.30
C GLU D 300 22.83 -23.11 33.99
N THR D 301 24.01 -23.52 34.43
CA THR D 301 24.99 -22.60 35.00
C THR D 301 25.99 -22.23 33.92
N VAL D 302 26.10 -20.93 33.64
CA VAL D 302 26.97 -20.44 32.59
C VAL D 302 27.92 -19.44 33.21
N TYR D 303 29.20 -19.74 33.17
CA TYR D 303 30.20 -18.90 33.84
C TYR D 303 30.69 -17.75 32.94
#